data_1FQ9
#
_entry.id   1FQ9
#
_cell.length_a   98.888
_cell.length_b   98.888
_cell.length_c   196.292
_cell.angle_alpha   90.00
_cell.angle_beta   90.00
_cell.angle_gamma   90.00
#
_symmetry.space_group_name_H-M   'P 41 21 2'
#
loop_
_entity.id
_entity.type
_entity.pdbx_description
1 polymer 'FIBROBLAST GROWTH FACTOR 2'
2 polymer 'FIBROBLAST GROWTH FACTOR RECEPTOR 1'
3 branched '4-deoxy-2-O-sulfo-alpha-L-threo-hex-4-enopyranuronic acid-(1-4)-2-deoxy-6-O-sulfo-2-(sulfoamino)-alpha-D-glucopyranose-(1-4)-2-O-sulfo-alpha-L-idopyranuronic acid-(1-4)-2-deoxy-6-O-sulfo-2-(sulfoamino)-alpha-D-glucopyranose-(1-4)-2-O-sulfo-alpha-L-idopyranuronic acid-(1-4)-2-deoxy-6-O-sulfo-2-(sulfoamino)-alpha-D-glucopyranose-(1-4)-2-O-sulfo-beta-L-altropyranuronic acid-(1-4)-2-deoxy-6-O-sulfo-2-(sulfoamino)-alpha-D-glucopyranose'
4 branched '4-deoxy-2-O-sulfo-alpha-L-threo-hex-4-enopyranuronic acid-(1-4)-2-deoxy-6-O-sulfo-2-(sulfoamino)-alpha-D-glucopyranose-(1-4)-2-O-sulfo-alpha-L-idopyranuronic acid-(1-4)-2-deoxy-6-O-sulfo-2-(sulfoamino)-alpha-D-glucopyranose-(1-4)-2-O-sulfo-alpha-L-idopyranuronic acid-(1-4)-2-deoxy-6-O-sulfo-2-(sulfoamino)-alpha-D-glucopyranose'
#
loop_
_entity_poly.entity_id
_entity_poly.type
_entity_poly.pdbx_seq_one_letter_code
_entity_poly.pdbx_strand_id
1 'polypeptide(L)'
;GHFKDPKRLYCKNGGFFLRIHPDGRVDGVREKSDPHIKLQLQAEERGVVSIKGVSANRYLAMKEDGRLLASKSVTDECFF
FERLESNNYNTYRSRKYTSWYVALKRTGQYKLGSKTGPGQKAILFLPMSAKS
;
A,B
2 'polypeptide(L)'
;TDNTKPNRMPVAPYWTSPEKMEKKLHAVPAAKTVKFKCPSSGTPQPTLRWLKNGKEFKPDHRIGGYKVRYATWSIIMDSV
VPSDKGNYTCIVENEYGSINHTYQLDVVERSPHRPILQAGLPANKTVALGSNVEFMCKVYSDPQPHIQWLKHIEVNGSKI
GPDNLPYVQILKTAGVNTTDKEMEVLHLRNVSFEDAGEYTCLAGNSIGLSHHSAWLTVLEALEER
;
C,D
#
# COMPACT_ATOMS: atom_id res chain seq x y z
N HIS A 2 -15.34 -11.39 -1.63
CA HIS A 2 -16.76 -10.96 -1.66
C HIS A 2 -17.33 -10.65 -0.29
N PHE A 3 -18.08 -9.56 -0.22
CA PHE A 3 -18.66 -9.12 1.05
C PHE A 3 -19.78 -10.03 1.58
N LYS A 4 -20.37 -10.86 0.70
CA LYS A 4 -21.43 -11.76 1.14
C LYS A 4 -20.90 -13.11 1.64
N ASP A 5 -19.71 -13.52 1.21
CA ASP A 5 -19.15 -14.79 1.65
C ASP A 5 -18.60 -14.64 3.06
N PRO A 6 -18.46 -15.75 3.80
CA PRO A 6 -17.92 -15.67 5.16
C PRO A 6 -16.45 -15.30 5.12
N LYS A 7 -15.92 -14.89 6.26
CA LYS A 7 -14.51 -14.54 6.35
C LYS A 7 -13.92 -15.13 7.62
N ARG A 8 -12.59 -15.18 7.67
CA ARG A 8 -11.90 -15.66 8.84
C ARG A 8 -11.18 -14.40 9.31
N LEU A 9 -11.08 -14.19 10.62
CA LEU A 9 -10.39 -13.01 11.11
C LEU A 9 -9.08 -13.37 11.77
N TYR A 10 -8.00 -13.21 11.03
CA TYR A 10 -6.65 -13.53 11.47
C TYR A 10 -6.05 -12.38 12.27
N CYS A 11 -5.89 -12.58 13.57
CA CYS A 11 -5.34 -11.55 14.43
C CYS A 11 -3.84 -11.45 14.34
N LYS A 12 -3.34 -10.25 14.07
CA LYS A 12 -1.92 -10.01 13.94
C LYS A 12 -1.12 -10.52 15.13
N ASN A 13 -1.72 -10.51 16.32
CA ASN A 13 -1.01 -10.94 17.52
C ASN A 13 -0.91 -12.45 17.68
N GLY A 14 0.04 -13.06 16.96
CA GLY A 14 0.23 -14.49 17.07
C GLY A 14 -0.40 -15.34 16.00
N GLY A 15 -1.11 -14.74 15.05
CA GLY A 15 -1.72 -15.52 14.00
C GLY A 15 -2.94 -16.33 14.41
N PHE A 16 -3.62 -15.92 15.47
CA PHE A 16 -4.81 -16.63 15.92
C PHE A 16 -6.03 -16.14 15.19
N PHE A 17 -6.84 -17.08 14.68
CA PHE A 17 -8.07 -16.76 13.99
C PHE A 17 -9.11 -16.58 15.06
N LEU A 18 -9.93 -15.54 14.95
CA LEU A 18 -10.97 -15.34 15.95
C LEU A 18 -11.95 -16.50 15.82
N ARG A 19 -12.25 -17.14 16.93
CA ARG A 19 -13.14 -18.28 16.93
C ARG A 19 -14.33 -18.16 17.87
N ILE A 20 -15.50 -18.55 17.38
CA ILE A 20 -16.68 -18.53 18.19
C ILE A 20 -17.17 -19.96 18.35
N HIS A 21 -17.15 -20.44 19.59
CA HIS A 21 -17.58 -21.78 19.92
C HIS A 21 -19.09 -21.82 19.90
N PRO A 22 -19.68 -22.99 19.63
CA PRO A 22 -21.13 -23.11 19.60
C PRO A 22 -21.73 -22.80 20.98
N ASP A 23 -20.93 -22.96 22.03
CA ASP A 23 -21.45 -22.68 23.37
C ASP A 23 -21.31 -21.23 23.78
N GLY A 24 -20.74 -20.40 22.92
CA GLY A 24 -20.59 -19.00 23.23
C GLY A 24 -19.21 -18.53 23.63
N ARG A 25 -18.30 -19.45 23.92
CA ARG A 25 -16.96 -19.04 24.29
C ARG A 25 -16.28 -18.41 23.09
N VAL A 26 -15.41 -17.43 23.34
CA VAL A 26 -14.69 -16.78 22.25
C VAL A 26 -13.19 -16.74 22.57
N ASP A 27 -12.38 -17.14 21.59
CA ASP A 27 -10.94 -17.17 21.75
C ASP A 27 -10.33 -17.27 20.37
N GLY A 28 -9.09 -17.71 20.30
CA GLY A 28 -8.44 -17.84 19.00
C GLY A 28 -7.83 -19.20 18.73
N VAL A 29 -7.68 -19.53 17.46
CA VAL A 29 -7.08 -20.78 17.02
C VAL A 29 -6.25 -20.50 15.80
N ARG A 30 -5.04 -21.03 15.78
CA ARG A 30 -4.20 -20.83 14.62
C ARG A 30 -4.56 -21.80 13.50
N GLU A 31 -5.21 -22.91 13.84
CA GLU A 31 -5.59 -23.87 12.81
C GLU A 31 -6.65 -23.33 11.87
N LYS A 32 -6.26 -23.11 10.62
CA LYS A 32 -7.18 -22.58 9.62
C LYS A 32 -8.35 -23.52 9.31
N SER A 33 -8.21 -24.79 9.68
CA SER A 33 -9.27 -25.75 9.42
C SER A 33 -10.29 -25.83 10.54
N ASP A 34 -10.09 -25.04 11.58
CA ASP A 34 -11.02 -25.03 12.71
C ASP A 34 -12.44 -24.83 12.19
N PRO A 35 -13.39 -25.64 12.67
CA PRO A 35 -14.78 -25.55 12.26
C PRO A 35 -15.56 -24.35 12.79
N HIS A 36 -14.93 -23.55 13.64
CA HIS A 36 -15.61 -22.42 14.23
C HIS A 36 -14.99 -21.08 13.97
N ILE A 37 -14.21 -20.96 12.90
CA ILE A 37 -13.62 -19.68 12.63
C ILE A 37 -14.24 -18.96 11.45
N LYS A 38 -15.23 -19.57 10.81
CA LYS A 38 -15.90 -18.92 9.68
C LYS A 38 -16.94 -17.96 10.23
N LEU A 39 -16.67 -16.67 10.02
CA LEU A 39 -17.55 -15.60 10.51
C LEU A 39 -18.29 -14.90 9.39
N GLN A 40 -19.53 -14.50 9.67
CA GLN A 40 -20.35 -13.80 8.71
C GLN A 40 -20.45 -12.35 9.19
N LEU A 41 -19.69 -11.46 8.58
CA LEU A 41 -19.74 -10.07 8.99
C LEU A 41 -20.87 -9.40 8.24
N GLN A 42 -21.76 -8.75 8.97
CA GLN A 42 -22.86 -8.06 8.35
C GLN A 42 -22.80 -6.63 8.79
N ALA A 43 -23.15 -5.71 7.89
CA ALA A 43 -23.13 -4.31 8.26
C ALA A 43 -24.52 -3.97 8.74
N GLU A 44 -24.60 -3.20 9.81
CA GLU A 44 -25.89 -2.80 10.33
C GLU A 44 -26.10 -1.39 9.82
N GLU A 45 -25.01 -0.83 9.31
CA GLU A 45 -25.00 0.51 8.75
C GLU A 45 -23.57 0.90 8.51
N ARG A 46 -23.38 1.92 7.70
CA ARG A 46 -22.06 2.43 7.36
C ARG A 46 -21.06 2.33 8.50
N GLY A 47 -20.00 1.54 8.28
CA GLY A 47 -18.96 1.37 9.28
C GLY A 47 -19.26 0.57 10.51
N VAL A 48 -20.46 0.03 10.61
CA VAL A 48 -20.84 -0.76 11.78
C VAL A 48 -21.24 -2.16 11.41
N VAL A 49 -20.63 -3.13 12.08
CA VAL A 49 -20.94 -4.51 11.76
C VAL A 49 -21.29 -5.37 12.96
N SER A 50 -21.94 -6.49 12.67
CA SER A 50 -22.28 -7.48 13.67
C SER A 50 -21.28 -8.55 13.19
N ILE A 51 -20.84 -9.43 14.06
CA ILE A 51 -19.93 -10.48 13.66
C ILE A 51 -20.56 -11.77 14.14
N LYS A 52 -20.97 -12.60 13.20
CA LYS A 52 -21.65 -13.84 13.57
C LYS A 52 -20.88 -15.10 13.24
N GLY A 53 -20.67 -15.93 14.25
CA GLY A 53 -19.98 -17.17 14.02
C GLY A 53 -20.97 -18.01 13.25
N VAL A 54 -20.60 -18.44 12.05
CA VAL A 54 -21.53 -19.23 11.24
C VAL A 54 -21.95 -20.55 11.87
N SER A 55 -20.97 -21.32 12.33
CA SER A 55 -21.20 -22.62 12.95
C SER A 55 -21.92 -22.49 14.30
N ALA A 56 -21.38 -21.66 15.16
CA ALA A 56 -21.94 -21.45 16.50
C ALA A 56 -23.29 -20.75 16.44
N ASN A 57 -23.58 -20.13 15.31
CA ASN A 57 -24.84 -19.42 15.17
C ASN A 57 -25.05 -18.50 16.38
N ARG A 58 -24.05 -17.68 16.66
CA ARG A 58 -24.08 -16.73 17.77
C ARG A 58 -23.41 -15.46 17.29
N TYR A 59 -23.59 -14.39 18.05
CA TYR A 59 -23.00 -13.10 17.70
C TYR A 59 -21.95 -12.66 18.70
N LEU A 60 -20.83 -12.17 18.19
CA LEU A 60 -19.75 -11.69 19.04
C LEU A 60 -20.21 -10.42 19.74
N ALA A 61 -20.27 -10.45 21.06
CA ALA A 61 -20.69 -9.28 21.83
C ALA A 61 -19.71 -9.04 22.96
N MET A 62 -19.45 -7.76 23.24
CA MET A 62 -18.53 -7.40 24.31
C MET A 62 -19.31 -6.81 25.48
N LYS A 63 -19.21 -7.46 26.63
CA LYS A 63 -19.92 -7.03 27.82
C LYS A 63 -19.26 -5.81 28.45
N GLU A 64 -19.93 -5.20 29.43
CA GLU A 64 -19.43 -4.00 30.10
C GLU A 64 -18.05 -4.14 30.77
N ASP A 65 -17.72 -5.30 31.31
CA ASP A 65 -16.40 -5.46 31.93
C ASP A 65 -15.32 -5.58 30.86
N GLY A 66 -15.76 -5.72 29.60
CA GLY A 66 -14.82 -5.82 28.50
C GLY A 66 -14.46 -7.24 28.09
N ARG A 67 -15.31 -8.19 28.44
CA ARG A 67 -15.05 -9.58 28.08
C ARG A 67 -15.88 -9.93 26.86
N LEU A 68 -15.36 -10.84 26.05
CA LEU A 68 -16.06 -11.27 24.84
C LEU A 68 -16.87 -12.54 25.08
N LEU A 69 -17.85 -12.75 24.22
CA LEU A 69 -18.71 -13.91 24.27
C LEU A 69 -19.67 -13.79 23.10
N ALA A 70 -20.36 -14.86 22.74
CA ALA A 70 -21.27 -14.76 21.62
C ALA A 70 -22.72 -15.13 21.96
N SER A 71 -23.60 -14.13 21.85
CA SER A 71 -25.01 -14.30 22.14
C SER A 71 -25.74 -15.09 21.06
N LYS A 72 -26.85 -15.72 21.44
CA LYS A 72 -27.63 -16.51 20.48
C LYS A 72 -28.48 -15.56 19.65
N SER A 73 -28.84 -14.43 20.27
CA SER A 73 -29.63 -13.42 19.60
C SER A 73 -28.90 -12.09 19.70
N VAL A 74 -29.18 -11.20 18.76
CA VAL A 74 -28.51 -9.91 18.73
C VAL A 74 -28.93 -8.97 19.85
N THR A 75 -27.98 -8.15 20.31
CA THR A 75 -28.20 -7.15 21.34
C THR A 75 -27.31 -5.96 20.96
N ASP A 76 -27.56 -4.80 21.57
CA ASP A 76 -26.80 -3.61 21.24
C ASP A 76 -25.30 -3.75 21.48
N GLU A 77 -24.89 -4.88 22.05
CA GLU A 77 -23.49 -5.13 22.35
C GLU A 77 -22.81 -5.99 21.31
N CYS A 78 -23.52 -6.26 20.23
CA CYS A 78 -22.99 -7.09 19.14
C CYS A 78 -22.58 -6.24 17.95
N PHE A 79 -22.47 -4.93 18.16
CA PHE A 79 -22.12 -4.01 17.08
C PHE A 79 -20.78 -3.34 17.30
N PHE A 80 -19.95 -3.35 16.25
CA PHE A 80 -18.62 -2.78 16.34
C PHE A 80 -18.32 -1.89 15.15
N PHE A 81 -17.39 -0.95 15.34
CA PHE A 81 -16.98 -0.07 14.24
C PHE A 81 -15.86 -0.77 13.51
N GLU A 82 -16.14 -1.25 12.31
CA GLU A 82 -15.10 -1.92 11.55
C GLU A 82 -14.31 -0.83 10.86
N ARG A 83 -13.02 -0.83 11.10
CA ARG A 83 -12.17 0.17 10.49
C ARG A 83 -10.94 -0.40 9.87
N LEU A 84 -10.71 -0.05 8.62
CA LEU A 84 -9.53 -0.49 7.92
C LEU A 84 -8.48 0.55 8.27
N GLU A 85 -7.59 0.20 9.20
CA GLU A 85 -6.56 1.11 9.64
C GLU A 85 -5.55 1.43 8.55
N SER A 86 -4.72 2.44 8.79
CA SER A 86 -3.71 2.86 7.82
C SER A 86 -2.65 1.81 7.54
N ASN A 87 -2.50 0.83 8.40
CA ASN A 87 -1.49 -0.20 8.14
C ASN A 87 -2.10 -1.43 7.48
N ASN A 88 -3.34 -1.29 7.05
CA ASN A 88 -4.04 -2.36 6.37
C ASN A 88 -4.59 -3.51 7.18
N TYR A 89 -4.69 -3.34 8.48
CA TYR A 89 -5.29 -4.37 9.30
C TYR A 89 -6.62 -3.77 9.73
N ASN A 90 -7.52 -4.58 10.26
CA ASN A 90 -8.81 -4.07 10.68
C ASN A 90 -8.91 -4.03 12.19
N THR A 91 -9.78 -3.16 12.71
CA THR A 91 -10.00 -3.02 14.14
C THR A 91 -11.48 -3.02 14.37
N TYR A 92 -11.91 -3.83 15.33
CA TYR A 92 -13.33 -3.90 15.63
C TYR A 92 -13.56 -3.29 17.00
N ARG A 93 -13.91 -2.01 17.00
CA ARG A 93 -14.14 -1.24 18.22
C ARG A 93 -15.60 -1.28 18.62
N SER A 94 -15.86 -1.71 19.86
CA SER A 94 -17.22 -1.79 20.36
C SER A 94 -17.94 -0.45 20.28
N ARG A 95 -19.06 -0.44 19.56
CA ARG A 95 -19.83 0.77 19.42
C ARG A 95 -20.42 1.19 20.76
N LYS A 96 -20.63 0.23 21.65
CA LYS A 96 -21.19 0.52 22.96
C LYS A 96 -20.11 1.05 23.89
N TYR A 97 -19.09 0.23 24.14
CA TYR A 97 -18.00 0.66 25.00
C TYR A 97 -16.89 1.24 24.12
N THR A 98 -17.28 2.26 23.38
CA THR A 98 -16.48 3.00 22.40
C THR A 98 -14.96 3.14 22.51
N SER A 99 -14.36 2.70 23.60
CA SER A 99 -12.91 2.85 23.72
C SER A 99 -12.21 1.51 23.73
N TRP A 100 -12.98 0.44 23.58
CA TRP A 100 -12.45 -0.90 23.60
C TRP A 100 -12.54 -1.63 22.27
N TYR A 101 -11.59 -2.51 22.03
CA TYR A 101 -11.56 -3.28 20.80
C TYR A 101 -11.68 -4.78 21.04
N VAL A 102 -11.95 -5.49 19.96
CA VAL A 102 -12.02 -6.93 20.03
C VAL A 102 -10.56 -7.29 19.82
N ALA A 103 -10.02 -8.16 20.66
CA ALA A 103 -8.62 -8.54 20.50
C ALA A 103 -8.29 -9.90 21.09
N LEU A 104 -7.16 -10.44 20.67
CA LEU A 104 -6.73 -11.72 21.18
C LEU A 104 -5.30 -11.61 21.72
N LYS A 105 -5.03 -12.34 22.79
CA LYS A 105 -3.71 -12.34 23.41
C LYS A 105 -2.82 -13.23 22.56
N ARG A 106 -1.50 -13.15 22.75
CA ARG A 106 -0.63 -13.99 21.96
C ARG A 106 -0.66 -15.43 22.46
N THR A 107 -1.64 -15.70 23.33
CA THR A 107 -1.82 -17.02 23.91
C THR A 107 -3.10 -17.69 23.42
N GLY A 108 -3.82 -17.03 22.51
CA GLY A 108 -5.01 -17.64 21.98
C GLY A 108 -6.31 -17.35 22.72
N GLN A 109 -6.24 -16.51 23.74
CA GLN A 109 -7.46 -16.14 24.47
C GLN A 109 -7.68 -14.67 24.21
N TYR A 110 -8.92 -14.24 24.33
CA TYR A 110 -9.18 -12.84 24.06
C TYR A 110 -8.51 -11.94 25.08
N LYS A 111 -8.67 -10.63 24.90
CA LYS A 111 -8.12 -9.64 25.80
C LYS A 111 -9.24 -8.72 26.21
N LEU A 112 -9.39 -8.51 27.50
CA LEU A 112 -10.43 -7.63 28.02
C LEU A 112 -10.41 -6.28 27.33
N GLY A 113 -11.54 -5.88 26.76
CA GLY A 113 -11.62 -4.61 26.08
C GLY A 113 -11.02 -3.52 26.97
N SER A 114 -11.30 -3.60 28.26
CA SER A 114 -10.79 -2.63 29.20
C SER A 114 -9.26 -2.58 29.18
N LYS A 115 -8.63 -3.53 28.50
CA LYS A 115 -7.18 -3.56 28.41
C LYS A 115 -6.71 -3.35 26.98
N THR A 116 -7.64 -3.09 26.07
CA THR A 116 -7.28 -2.89 24.68
C THR A 116 -6.95 -1.44 24.38
N GLY A 117 -6.07 -1.22 23.40
CA GLY A 117 -5.68 0.14 23.07
C GLY A 117 -5.06 0.30 21.69
N PRO A 118 -5.22 1.50 21.09
CA PRO A 118 -4.74 1.90 19.77
C PRO A 118 -3.37 1.41 19.33
N GLY A 119 -2.39 1.49 20.21
CA GLY A 119 -1.06 1.04 19.83
C GLY A 119 -0.83 -0.47 19.87
N GLN A 120 -1.82 -1.23 20.35
CA GLN A 120 -1.68 -2.68 20.48
C GLN A 120 -1.79 -3.55 19.23
N LYS A 121 -1.08 -4.69 19.26
CA LYS A 121 -1.07 -5.67 18.18
C LYS A 121 -2.25 -6.61 18.32
N ALA A 122 -2.77 -6.73 19.54
CA ALA A 122 -3.89 -7.60 19.83
C ALA A 122 -5.16 -7.20 19.08
N ILE A 123 -5.32 -5.91 18.83
CA ILE A 123 -6.53 -5.44 18.15
C ILE A 123 -6.55 -5.54 16.64
N LEU A 124 -5.37 -5.68 16.03
CA LEU A 124 -5.28 -5.77 14.58
C LEU A 124 -5.76 -7.09 14.00
N PHE A 125 -6.68 -7.03 13.04
CA PHE A 125 -7.19 -8.24 12.41
C PHE A 125 -7.13 -8.15 10.91
N LEU A 126 -6.90 -9.30 10.27
CA LEU A 126 -6.81 -9.37 8.82
C LEU A 126 -7.94 -10.25 8.31
N PRO A 127 -8.91 -9.66 7.60
CA PRO A 127 -10.01 -10.47 7.08
C PRO A 127 -9.52 -11.34 5.94
N MET A 128 -9.94 -12.60 5.94
CA MET A 128 -9.55 -13.54 4.89
C MET A 128 -10.75 -14.31 4.36
N SER A 129 -10.76 -14.51 3.05
CA SER A 129 -11.85 -15.20 2.37
C SER A 129 -12.11 -16.58 2.92
N ALA A 130 -13.30 -17.08 2.62
CA ALA A 130 -13.71 -18.41 3.06
C ALA A 130 -14.89 -18.88 2.20
N HIS B 2 5.23 16.59 -8.05
CA HIS B 2 5.08 17.27 -9.38
C HIS B 2 6.06 16.69 -10.42
N PHE B 3 5.53 16.27 -11.57
CA PHE B 3 6.32 15.70 -12.67
C PHE B 3 7.32 16.70 -13.28
N LYS B 4 7.00 17.99 -13.16
CA LYS B 4 7.84 19.04 -13.72
C LYS B 4 8.98 19.49 -12.81
N ASP B 5 8.80 19.33 -11.49
CA ASP B 5 9.84 19.71 -10.53
C ASP B 5 10.97 18.68 -10.54
N PRO B 6 12.17 19.08 -10.10
CA PRO B 6 13.29 18.14 -10.07
C PRO B 6 13.03 17.10 -8.99
N LYS B 7 13.81 16.02 -9.02
CA LYS B 7 13.67 14.97 -8.03
C LYS B 7 15.04 14.50 -7.60
N ARG B 8 15.09 13.82 -6.46
CA ARG B 8 16.34 13.25 -5.97
C ARG B 8 16.08 11.75 -6.10
N LEU B 9 17.09 10.98 -6.47
CA LEU B 9 16.88 9.55 -6.59
C LEU B 9 17.59 8.80 -5.47
N TYR B 10 16.85 8.44 -4.42
CA TYR B 10 17.39 7.73 -3.28
C TYR B 10 17.45 6.23 -3.53
N CYS B 11 18.68 5.71 -3.63
CA CYS B 11 18.85 4.28 -3.88
C CYS B 11 18.71 3.45 -2.62
N LYS B 12 17.87 2.43 -2.69
CA LYS B 12 17.61 1.56 -1.54
C LYS B 12 18.88 0.97 -0.93
N ASN B 13 19.88 0.75 -1.77
CA ASN B 13 21.13 0.15 -1.34
C ASN B 13 22.05 1.10 -0.58
N GLY B 14 21.76 1.33 0.70
CA GLY B 14 22.61 2.22 1.47
C GLY B 14 22.15 3.67 1.62
N GLY B 15 21.04 4.02 0.99
CA GLY B 15 20.53 5.37 1.12
C GLY B 15 21.33 6.42 0.38
N PHE B 16 22.02 6.01 -0.68
CA PHE B 16 22.79 6.98 -1.44
C PHE B 16 21.91 7.62 -2.51
N PHE B 17 21.99 8.94 -2.60
CA PHE B 17 21.23 9.67 -3.61
C PHE B 17 22.08 9.64 -4.86
N LEU B 18 21.46 9.36 -6.00
CA LEU B 18 22.19 9.34 -7.26
C LEU B 18 22.70 10.75 -7.54
N ARG B 19 23.99 10.88 -7.79
CA ARG B 19 24.53 12.19 -8.06
C ARG B 19 25.35 12.29 -9.32
N ILE B 20 25.14 13.41 -10.01
CA ILE B 20 25.84 13.70 -11.25
C ILE B 20 26.74 14.90 -11.01
N HIS B 21 28.05 14.67 -11.11
CA HIS B 21 29.04 15.71 -10.93
C HIS B 21 29.09 16.55 -12.19
N PRO B 22 29.46 17.83 -12.05
CA PRO B 22 29.53 18.71 -13.24
C PRO B 22 30.56 18.20 -14.27
N ASP B 23 31.52 17.41 -13.80
CA ASP B 23 32.56 16.86 -14.66
C ASP B 23 32.13 15.57 -15.37
N GLY B 24 30.96 15.06 -15.05
CA GLY B 24 30.49 13.84 -15.69
C GLY B 24 30.55 12.59 -14.83
N ARG B 25 31.25 12.64 -13.70
CA ARG B 25 31.33 11.47 -12.83
C ARG B 25 29.96 11.19 -12.27
N VAL B 26 29.66 9.91 -12.03
CA VAL B 26 28.37 9.52 -11.46
C VAL B 26 28.62 8.57 -10.27
N ASP B 27 27.98 8.87 -9.14
CA ASP B 27 28.13 8.06 -7.95
C ASP B 27 26.98 8.42 -7.03
N GLY B 28 27.12 8.11 -5.75
CA GLY B 28 26.07 8.43 -4.79
C GLY B 28 26.56 9.18 -3.57
N VAL B 29 25.64 9.91 -2.94
CA VAL B 29 25.94 10.66 -1.73
C VAL B 29 24.73 10.58 -0.85
N ARG B 30 24.98 10.34 0.43
CA ARG B 30 23.90 10.25 1.38
C ARG B 30 23.41 11.64 1.78
N GLU B 31 24.29 12.63 1.66
CA GLU B 31 23.95 13.98 2.05
C GLU B 31 22.87 14.59 1.16
N LYS B 32 21.69 14.80 1.76
CA LYS B 32 20.54 15.35 1.05
C LYS B 32 20.78 16.78 0.56
N SER B 33 21.77 17.44 1.14
CA SER B 33 22.06 18.82 0.76
C SER B 33 23.06 18.91 -0.38
N ASP B 34 23.55 17.78 -0.86
CA ASP B 34 24.52 17.83 -1.94
C ASP B 34 23.97 18.65 -3.08
N PRO B 35 24.80 19.51 -3.66
CA PRO B 35 24.38 20.37 -4.78
C PRO B 35 24.24 19.67 -6.13
N HIS B 36 24.58 18.39 -6.19
CA HIS B 36 24.52 17.68 -7.46
C HIS B 36 23.60 16.47 -7.47
N ILE B 37 22.61 16.46 -6.58
CA ILE B 37 21.68 15.34 -6.56
C ILE B 37 20.30 15.69 -7.13
N LYS B 38 20.10 16.96 -7.52
CA LYS B 38 18.81 17.37 -8.08
C LYS B 38 18.78 16.99 -9.56
N LEU B 39 17.92 16.02 -9.87
CA LEU B 39 17.81 15.50 -11.24
C LEU B 39 16.48 15.85 -11.89
N GLN B 40 16.53 16.13 -13.19
CA GLN B 40 15.34 16.47 -13.93
C GLN B 40 15.01 15.30 -14.84
N LEU B 41 14.02 14.51 -14.45
CA LEU B 41 13.65 13.36 -15.25
C LEU B 41 12.65 13.83 -16.29
N GLN B 42 12.95 13.50 -17.54
CA GLN B 42 12.10 13.89 -18.65
C GLN B 42 11.73 12.63 -19.39
N ALA B 43 10.49 12.57 -19.86
CA ALA B 43 10.07 11.39 -20.59
C ALA B 43 10.35 11.69 -22.03
N GLU B 44 10.85 10.68 -22.76
CA GLU B 44 11.09 10.89 -24.17
C GLU B 44 9.93 10.21 -24.84
N GLU B 45 9.18 9.45 -24.04
CA GLU B 45 7.99 8.74 -24.50
C GLU B 45 7.55 7.78 -23.41
N ARG B 46 6.31 7.33 -23.49
CA ARG B 46 5.77 6.40 -22.50
C ARG B 46 6.78 5.43 -21.94
N GLY B 47 6.99 5.51 -20.62
CA GLY B 47 7.91 4.60 -19.96
C GLY B 47 9.39 4.79 -20.17
N VAL B 48 9.76 5.80 -20.94
CA VAL B 48 11.18 6.02 -21.22
C VAL B 48 11.61 7.41 -20.81
N VAL B 49 12.67 7.50 -20.03
CA VAL B 49 13.13 8.80 -19.61
C VAL B 49 14.61 9.04 -19.83
N SER B 50 14.97 10.32 -19.74
CA SER B 50 16.34 10.77 -19.82
C SER B 50 16.47 11.23 -18.37
N ILE B 51 17.67 11.24 -17.83
CA ILE B 51 17.88 11.67 -16.45
C ILE B 51 18.93 12.74 -16.55
N LYS B 52 18.58 13.97 -16.20
CA LYS B 52 19.51 15.07 -16.32
C LYS B 52 19.91 15.68 -15.01
N GLY B 53 21.20 15.71 -14.73
CA GLY B 53 21.66 16.34 -13.50
C GLY B 53 21.47 17.82 -13.74
N VAL B 54 20.64 18.46 -12.92
CA VAL B 54 20.37 19.88 -13.10
C VAL B 54 21.60 20.78 -13.01
N SER B 55 22.40 20.61 -11.95
CA SER B 55 23.59 21.45 -11.78
C SER B 55 24.69 21.10 -12.78
N ALA B 56 24.98 19.81 -12.93
CA ALA B 56 26.02 19.35 -13.84
C ALA B 56 25.63 19.59 -15.29
N ASN B 57 24.35 19.81 -15.51
CA ASN B 57 23.85 20.02 -16.87
C ASN B 57 24.42 18.95 -17.78
N ARG B 58 24.23 17.70 -17.39
CA ARG B 58 24.68 16.54 -18.15
C ARG B 58 23.60 15.45 -18.06
N TYR B 59 23.69 14.44 -18.92
CA TYR B 59 22.73 13.37 -18.91
C TYR B 59 23.33 12.04 -18.51
N LEU B 60 22.63 11.33 -17.63
CA LEU B 60 23.12 10.04 -17.19
C LEU B 60 23.02 9.04 -18.34
N ALA B 61 24.17 8.54 -18.77
CA ALA B 61 24.23 7.57 -19.86
C ALA B 61 25.05 6.36 -19.44
N MET B 62 24.62 5.17 -19.86
CA MET B 62 25.32 3.93 -19.54
C MET B 62 25.99 3.42 -20.80
N LYS B 63 27.32 3.33 -20.75
CA LYS B 63 28.11 2.86 -21.88
C LYS B 63 28.01 1.35 -22.04
N GLU B 64 28.53 0.84 -23.16
CA GLU B 64 28.48 -0.59 -23.46
C GLU B 64 29.08 -1.53 -22.41
N ASP B 65 30.15 -1.10 -21.74
CA ASP B 65 30.76 -1.97 -20.71
C ASP B 65 29.85 -2.00 -19.47
N GLY B 66 28.88 -1.10 -19.44
CA GLY B 66 27.96 -1.04 -18.31
C GLY B 66 28.38 -0.05 -17.25
N ARG B 67 29.17 0.96 -17.62
CA ARG B 67 29.60 1.95 -16.66
C ARG B 67 28.77 3.21 -16.86
N LEU B 68 28.55 3.96 -15.79
CA LEU B 68 27.75 5.18 -15.85
C LEU B 68 28.62 6.40 -15.99
N LEU B 69 28.01 7.48 -16.49
CA LEU B 69 28.68 8.76 -16.67
C LEU B 69 27.64 9.69 -17.26
N ALA B 70 27.91 10.99 -17.22
CA ALA B 70 26.93 11.94 -17.73
C ALA B 70 27.43 12.79 -18.88
N SER B 71 26.80 12.60 -20.06
CA SER B 71 27.15 13.34 -21.25
C SER B 71 26.66 14.79 -21.21
N LYS B 72 27.31 15.66 -21.97
CA LYS B 72 26.92 17.06 -22.00
C LYS B 72 25.73 17.21 -22.94
N SER B 73 25.67 16.33 -23.93
CA SER B 73 24.57 16.34 -24.88
C SER B 73 23.96 14.94 -24.94
N VAL B 74 22.70 14.87 -25.30
CA VAL B 74 22.00 13.59 -25.32
C VAL B 74 22.46 12.62 -26.41
N THR B 75 22.41 11.34 -26.09
CA THR B 75 22.77 10.26 -27.02
C THR B 75 21.82 9.11 -26.74
N ASP B 76 21.74 8.15 -27.66
CA ASP B 76 20.82 7.03 -27.47
C ASP B 76 21.09 6.20 -26.22
N GLU B 77 22.15 6.56 -25.50
CA GLU B 77 22.51 5.84 -24.28
C GLU B 77 22.04 6.57 -23.03
N CYS B 78 21.28 7.63 -23.21
CA CYS B 78 20.79 8.39 -22.07
C CYS B 78 19.33 8.12 -21.81
N PHE B 79 18.83 7.05 -22.39
CA PHE B 79 17.43 6.69 -22.23
C PHE B 79 17.24 5.40 -21.46
N PHE B 80 16.34 5.44 -20.47
CA PHE B 80 16.09 4.28 -19.65
C PHE B 80 14.60 4.00 -19.48
N PHE B 81 14.26 2.75 -19.20
CA PHE B 81 12.87 2.36 -18.98
C PHE B 81 12.60 2.61 -17.51
N GLU B 82 11.83 3.63 -17.20
CA GLU B 82 11.53 3.89 -15.81
C GLU B 82 10.36 3.00 -15.45
N ARG B 83 10.54 2.21 -14.40
CA ARG B 83 9.49 1.29 -14.01
C ARG B 83 9.25 1.29 -12.51
N LEU B 84 8.00 1.52 -12.15
CA LEU B 84 7.57 1.52 -10.77
C LEU B 84 7.32 0.04 -10.43
N GLU B 85 8.29 -0.60 -9.80
CA GLU B 85 8.18 -2.01 -9.47
C GLU B 85 7.07 -2.27 -8.48
N SER B 86 6.72 -3.55 -8.30
CA SER B 86 5.64 -3.90 -7.39
C SER B 86 5.95 -3.64 -5.93
N ASN B 87 7.21 -3.36 -5.61
CA ASN B 87 7.62 -3.09 -4.23
C ASN B 87 7.60 -1.59 -3.97
N ASN B 88 7.23 -0.84 -5.00
CA ASN B 88 7.16 0.61 -4.91
C ASN B 88 8.48 1.35 -5.03
N TYR B 89 9.48 0.69 -5.56
CA TYR B 89 10.78 1.31 -5.79
C TYR B 89 10.82 1.46 -7.29
N ASN B 90 11.70 2.30 -7.80
CA ASN B 90 11.80 2.48 -9.24
C ASN B 90 13.07 1.81 -9.75
N THR B 91 13.05 1.42 -11.01
CA THR B 91 14.21 0.81 -11.63
C THR B 91 14.45 1.48 -12.97
N TYR B 92 15.68 1.87 -13.21
CA TYR B 92 16.02 2.53 -14.47
C TYR B 92 16.87 1.60 -15.32
N ARG B 93 16.19 0.86 -16.19
CA ARG B 93 16.84 -0.10 -17.07
C ARG B 93 17.22 0.54 -18.39
N SER B 94 18.50 0.43 -18.75
CA SER B 94 18.97 1.01 -20.00
C SER B 94 18.22 0.46 -21.19
N ARG B 95 17.62 1.36 -21.95
CA ARG B 95 16.86 0.97 -23.13
C ARG B 95 17.79 0.40 -24.20
N LYS B 96 19.05 0.80 -24.15
CA LYS B 96 20.07 0.34 -25.10
C LYS B 96 20.54 -1.06 -24.69
N TYR B 97 21.19 -1.16 -23.54
CA TYR B 97 21.66 -2.45 -23.10
C TYR B 97 20.60 -3.03 -22.18
N THR B 98 19.43 -3.25 -22.78
CA THR B 98 18.21 -3.76 -22.16
C THR B 98 18.21 -4.71 -20.97
N SER B 99 19.35 -5.22 -20.56
CA SER B 99 19.33 -6.13 -19.41
C SER B 99 20.04 -5.54 -18.20
N TRP B 100 20.49 -4.30 -18.33
CA TRP B 100 21.20 -3.65 -17.23
C TRP B 100 20.45 -2.47 -16.64
N TYR B 101 20.69 -2.23 -15.36
CA TYR B 101 20.05 -1.12 -14.68
C TYR B 101 21.04 -0.12 -14.14
N VAL B 102 20.51 1.01 -13.73
CA VAL B 102 21.32 2.05 -13.12
C VAL B 102 21.31 1.61 -11.68
N ALA B 103 22.48 1.60 -11.04
CA ALA B 103 22.54 1.16 -9.66
C ALA B 103 23.73 1.70 -8.91
N LEU B 104 23.63 1.69 -7.59
CA LEU B 104 24.71 2.15 -6.74
C LEU B 104 25.10 1.05 -5.77
N LYS B 105 26.39 0.98 -5.47
CA LYS B 105 26.90 0.00 -4.54
C LYS B 105 26.64 0.53 -3.15
N ARG B 106 26.75 -0.33 -2.14
CA ARG B 106 26.52 0.09 -0.75
C ARG B 106 27.67 0.97 -0.27
N THR B 107 28.56 1.30 -1.20
CA THR B 107 29.72 2.12 -0.89
C THR B 107 29.67 3.50 -1.52
N GLY B 108 28.57 3.82 -2.18
CA GLY B 108 28.45 5.13 -2.79
C GLY B 108 28.97 5.28 -4.21
N GLN B 109 29.38 4.17 -4.82
CA GLN B 109 29.88 4.20 -6.18
C GLN B 109 28.88 3.41 -7.00
N TYR B 110 28.76 3.71 -8.29
CA TYR B 110 27.80 2.96 -9.08
C TYR B 110 28.19 1.51 -9.22
N LYS B 111 27.36 0.75 -9.92
CA LYS B 111 27.60 -0.66 -10.15
C LYS B 111 27.47 -0.92 -11.65
N LEU B 112 28.48 -1.58 -12.22
CA LEU B 112 28.45 -1.86 -13.64
C LEU B 112 27.15 -2.54 -14.05
N GLY B 113 26.48 -1.97 -15.04
CA GLY B 113 25.24 -2.54 -15.49
C GLY B 113 25.41 -4.02 -15.73
N SER B 114 26.55 -4.38 -16.28
CA SER B 114 26.89 -5.76 -16.56
C SER B 114 26.80 -6.62 -15.30
N LYS B 115 26.72 -5.96 -14.14
CA LYS B 115 26.64 -6.65 -12.86
C LYS B 115 25.30 -6.44 -12.17
N THR B 116 24.40 -5.73 -12.85
CA THR B 116 23.07 -5.45 -12.28
C THR B 116 22.08 -6.56 -12.57
N GLY B 117 21.12 -6.75 -11.68
CA GLY B 117 20.13 -7.79 -11.86
C GLY B 117 18.85 -7.59 -11.07
N PRO B 118 17.71 -8.09 -11.59
CA PRO B 118 16.37 -8.02 -11.00
C PRO B 118 16.23 -8.24 -9.49
N GLY B 119 16.95 -9.21 -8.95
CA GLY B 119 16.83 -9.44 -7.53
C GLY B 119 17.66 -8.51 -6.65
N GLN B 120 18.49 -7.66 -7.26
CA GLN B 120 19.35 -6.75 -6.51
C GLN B 120 18.74 -5.50 -5.86
N LYS B 121 19.36 -5.09 -4.75
CA LYS B 121 18.95 -3.92 -3.98
C LYS B 121 19.59 -2.66 -4.57
N ALA B 122 20.70 -2.82 -5.28
CA ALA B 122 21.38 -1.68 -5.87
C ALA B 122 20.56 -0.98 -6.96
N ILE B 123 19.68 -1.73 -7.61
CA ILE B 123 18.86 -1.20 -8.70
C ILE B 123 17.63 -0.38 -8.26
N LEU B 124 17.16 -0.62 -7.05
CA LEU B 124 15.97 0.05 -6.56
C LEU B 124 16.18 1.51 -6.18
N PHE B 125 15.34 2.39 -6.72
CA PHE B 125 15.45 3.81 -6.39
C PHE B 125 14.11 4.39 -5.98
N LEU B 126 14.16 5.38 -5.10
CA LEU B 126 12.95 6.02 -4.61
C LEU B 126 12.99 7.48 -5.01
N PRO B 127 12.09 7.89 -5.90
CA PRO B 127 12.07 9.30 -6.31
C PRO B 127 11.56 10.19 -5.18
N MET B 128 12.22 11.31 -4.97
CA MET B 128 11.85 12.25 -3.93
C MET B 128 11.80 13.67 -4.45
N SER B 129 10.78 14.40 -4.01
CA SER B 129 10.58 15.77 -4.42
C SER B 129 11.77 16.67 -4.12
N ALA B 130 11.82 17.80 -4.82
CA ALA B 130 12.87 18.78 -4.64
C ALA B 130 12.42 20.14 -5.19
N MET C 9 33.43 -33.26 18.39
CA MET C 9 32.18 -33.74 19.05
C MET C 9 30.97 -33.51 18.13
N PRO C 10 30.74 -34.40 17.17
CA PRO C 10 29.63 -34.29 16.22
C PRO C 10 28.25 -34.14 16.84
N VAL C 11 27.43 -33.32 16.18
CA VAL C 11 26.06 -33.06 16.61
C VAL C 11 25.23 -32.70 15.39
N ALA C 12 24.08 -33.35 15.23
CA ALA C 12 23.21 -33.06 14.09
C ALA C 12 22.53 -31.70 14.29
N PRO C 13 22.23 -31.00 13.20
CA PRO C 13 21.59 -29.70 13.35
C PRO C 13 20.28 -29.81 14.15
N TYR C 14 20.05 -28.84 15.03
CA TYR C 14 18.85 -28.85 15.85
C TYR C 14 18.29 -27.45 16.09
N TRP C 15 16.98 -27.37 16.33
CA TRP C 15 16.32 -26.10 16.56
C TRP C 15 16.75 -25.55 17.90
N THR C 16 17.27 -24.32 17.91
CA THR C 16 17.70 -23.69 19.15
C THR C 16 16.55 -22.94 19.78
N SER C 17 15.68 -22.38 18.96
CA SER C 17 14.51 -21.63 19.44
C SER C 17 13.27 -22.18 18.76
N PRO C 18 12.82 -23.36 19.19
CA PRO C 18 11.66 -24.03 18.63
C PRO C 18 10.37 -23.24 18.76
N GLU C 19 10.27 -22.49 19.85
CA GLU C 19 9.07 -21.70 20.16
C GLU C 19 8.77 -20.62 19.14
N LYS C 20 9.80 -19.96 18.63
CA LYS C 20 9.58 -18.93 17.64
C LYS C 20 9.44 -19.51 16.23
N MET C 21 8.89 -20.71 16.15
CA MET C 21 8.67 -21.37 14.87
C MET C 21 7.26 -21.94 14.91
N GLU C 22 6.57 -21.64 16.00
CA GLU C 22 5.21 -22.08 16.22
C GLU C 22 4.22 -21.56 15.16
N LYS C 23 4.31 -20.28 14.85
CA LYS C 23 3.40 -19.69 13.87
C LYS C 23 3.78 -20.10 12.46
N LYS C 24 3.13 -21.16 11.98
CA LYS C 24 3.40 -21.67 10.64
C LYS C 24 2.70 -20.92 9.51
N LEU C 25 1.58 -20.26 9.82
CA LEU C 25 0.86 -19.50 8.80
C LEU C 25 1.01 -18.01 8.99
N HIS C 26 1.58 -17.34 8.00
CA HIS C 26 1.77 -15.91 8.05
C HIS C 26 0.90 -15.23 7.02
N ALA C 27 -0.20 -14.66 7.50
CA ALA C 27 -1.14 -13.95 6.64
C ALA C 27 -0.89 -12.48 6.89
N VAL C 28 -0.67 -11.75 5.81
CA VAL C 28 -0.39 -10.33 5.88
C VAL C 28 -0.93 -9.57 4.69
N PRO C 29 -1.13 -8.25 4.82
CA PRO C 29 -1.62 -7.47 3.68
C PRO C 29 -0.40 -7.20 2.80
N ALA C 30 -0.61 -6.89 1.52
CA ALA C 30 0.51 -6.67 0.62
C ALA C 30 1.50 -5.62 1.07
N ALA C 31 2.73 -5.74 0.56
CA ALA C 31 3.84 -4.83 0.82
C ALA C 31 4.49 -5.03 2.16
N LYS C 32 3.75 -5.61 3.10
CA LYS C 32 4.32 -5.81 4.41
C LYS C 32 5.60 -6.62 4.26
N THR C 33 6.61 -6.32 5.07
CA THR C 33 7.87 -7.08 5.03
C THR C 33 7.63 -8.37 5.78
N VAL C 34 8.09 -9.48 5.21
CA VAL C 34 7.93 -10.77 5.86
C VAL C 34 9.29 -11.39 6.12
N LYS C 35 9.44 -11.98 7.29
CA LYS C 35 10.69 -12.62 7.68
C LYS C 35 10.40 -13.97 8.31
N PHE C 36 11.03 -15.03 7.79
CA PHE C 36 10.87 -16.38 8.31
C PHE C 36 12.22 -16.79 8.89
N LYS C 37 12.22 -17.35 10.08
CA LYS C 37 13.46 -17.78 10.72
C LYS C 37 13.44 -19.23 11.19
N CYS C 38 14.62 -19.83 11.19
CA CYS C 38 14.77 -21.22 11.62
C CYS C 38 15.99 -21.35 12.53
N PRO C 39 15.94 -20.68 13.69
CA PRO C 39 17.02 -20.70 14.67
C PRO C 39 17.41 -22.12 14.95
N SER C 40 18.63 -22.48 14.55
CA SER C 40 19.14 -23.83 14.76
C SER C 40 20.65 -23.83 14.99
N SER C 41 21.18 -24.95 15.49
CA SER C 41 22.61 -25.10 15.74
C SER C 41 23.05 -26.52 15.48
N GLY C 42 24.33 -26.79 15.70
CA GLY C 42 24.84 -28.12 15.48
C GLY C 42 26.26 -28.07 14.97
N THR C 43 27.08 -29.02 15.41
CA THR C 43 28.47 -29.06 15.01
C THR C 43 28.81 -30.29 14.17
N PRO C 44 29.47 -30.10 13.02
CA PRO C 44 29.90 -28.80 12.49
C PRO C 44 28.72 -27.93 12.07
N GLN C 45 28.90 -26.63 12.16
CA GLN C 45 27.89 -25.64 11.79
C GLN C 45 27.07 -26.05 10.57
N PRO C 46 25.74 -26.17 10.73
CA PRO C 46 24.92 -26.56 9.57
C PRO C 46 24.69 -25.43 8.58
N THR C 47 24.45 -25.78 7.33
CA THR C 47 24.18 -24.81 6.27
C THR C 47 22.69 -24.52 6.23
N LEU C 48 22.32 -23.34 5.74
CA LEU C 48 20.92 -22.94 5.67
C LEU C 48 20.49 -22.61 4.24
N ARG C 49 19.41 -23.23 3.78
CA ARG C 49 18.93 -22.93 2.45
C ARG C 49 17.40 -22.83 2.52
N TRP C 50 16.78 -22.16 1.56
CA TRP C 50 15.32 -22.01 1.56
C TRP C 50 14.64 -22.52 0.30
N LEU C 51 13.37 -22.88 0.45
CA LEU C 51 12.60 -23.40 -0.69
C LEU C 51 11.21 -22.80 -0.79
N LYS C 52 10.86 -22.34 -1.99
CA LYS C 52 9.54 -21.79 -2.19
C LYS C 52 8.77 -22.91 -2.85
N ASN C 53 7.76 -23.42 -2.15
CA ASN C 53 6.95 -24.52 -2.66
C ASN C 53 7.79 -25.71 -3.12
N GLY C 54 8.71 -26.16 -2.27
CA GLY C 54 9.55 -27.28 -2.62
C GLY C 54 10.69 -26.98 -3.58
N LYS C 55 10.47 -26.12 -4.56
CA LYS C 55 11.51 -25.79 -5.51
C LYS C 55 12.57 -24.87 -4.91
N GLU C 56 13.72 -24.81 -5.58
CA GLU C 56 14.84 -23.97 -5.14
C GLU C 56 14.55 -22.51 -5.39
N PHE C 57 14.64 -21.71 -4.34
CA PHE C 57 14.40 -20.28 -4.38
C PHE C 57 15.69 -19.58 -4.85
N LYS C 58 15.58 -18.37 -5.39
CA LYS C 58 16.75 -17.60 -5.85
C LYS C 58 16.40 -16.11 -5.85
N PRO C 59 17.27 -15.27 -5.26
CA PRO C 59 17.01 -13.83 -5.20
C PRO C 59 16.38 -13.16 -6.43
N ASP C 60 16.82 -13.51 -7.64
CA ASP C 60 16.20 -12.91 -8.80
C ASP C 60 14.78 -13.45 -9.07
N HIS C 61 14.30 -14.35 -8.21
CA HIS C 61 12.97 -14.92 -8.36
C HIS C 61 11.83 -13.98 -7.97
N ARG C 62 12.15 -12.83 -7.40
CA ARG C 62 11.13 -11.87 -7.02
C ARG C 62 11.72 -10.48 -7.08
N ILE C 63 10.90 -9.46 -7.34
CA ILE C 63 11.45 -8.12 -7.40
C ILE C 63 11.98 -7.72 -6.03
N GLY C 64 13.16 -7.13 -6.03
CA GLY C 64 13.79 -6.74 -4.79
C GLY C 64 14.45 -7.97 -4.19
N GLY C 65 14.09 -9.14 -4.73
CA GLY C 65 14.62 -10.40 -4.26
C GLY C 65 14.44 -10.67 -2.78
N TYR C 66 15.21 -11.61 -2.25
CA TYR C 66 15.13 -11.90 -0.83
C TYR C 66 16.51 -11.76 -0.21
N LYS C 67 16.53 -11.72 1.11
CA LYS C 67 17.77 -11.56 1.86
C LYS C 67 17.86 -12.63 2.93
N VAL C 68 18.97 -13.36 2.96
CA VAL C 68 19.12 -14.41 3.95
C VAL C 68 20.18 -14.05 4.99
N ARG C 69 19.77 -13.99 6.25
CA ARG C 69 20.67 -13.68 7.35
C ARG C 69 21.00 -14.93 8.14
N TYR C 70 21.99 -15.67 7.67
CA TYR C 70 22.39 -16.91 8.34
C TYR C 70 22.68 -16.57 9.77
N ALA C 71 23.13 -15.35 9.99
CA ALA C 71 23.45 -14.90 11.34
C ALA C 71 22.27 -15.19 12.28
N THR C 72 21.06 -15.16 11.75
CA THR C 72 19.89 -15.45 12.54
C THR C 72 18.98 -16.50 11.89
N TRP C 73 19.55 -17.23 10.93
CA TRP C 73 18.84 -18.30 10.23
C TRP C 73 17.51 -17.80 9.71
N SER C 74 17.55 -16.65 9.06
CA SER C 74 16.33 -16.06 8.57
C SER C 74 16.37 -15.71 7.10
N ILE C 75 15.18 -15.54 6.53
CA ILE C 75 15.03 -15.14 5.14
C ILE C 75 14.13 -13.93 5.24
N ILE C 76 14.37 -12.93 4.42
CA ILE C 76 13.53 -11.75 4.49
C ILE C 76 12.98 -11.34 3.15
N MET C 77 11.71 -10.98 3.14
CA MET C 77 11.08 -10.53 1.92
C MET C 77 10.39 -9.23 2.20
N ASP C 78 10.91 -8.20 1.53
CA ASP C 78 10.38 -6.86 1.64
C ASP C 78 9.25 -6.74 0.64
N SER C 79 8.28 -5.87 0.97
CA SER C 79 7.13 -5.61 0.12
C SER C 79 6.57 -6.84 -0.58
N VAL C 80 5.98 -7.74 0.19
CA VAL C 80 5.43 -8.95 -0.41
C VAL C 80 4.15 -8.72 -1.21
N VAL C 81 3.93 -9.58 -2.20
CA VAL C 81 2.75 -9.48 -3.05
C VAL C 81 2.16 -10.85 -3.35
N PRO C 82 0.94 -10.90 -3.91
CA PRO C 82 0.29 -12.17 -4.24
C PRO C 82 1.22 -13.25 -4.79
N SER C 83 2.11 -12.85 -5.69
CA SER C 83 3.05 -13.78 -6.31
C SER C 83 3.90 -14.53 -5.28
N ASP C 84 4.01 -13.98 -4.07
CA ASP C 84 4.81 -14.62 -3.05
C ASP C 84 4.03 -15.65 -2.27
N LYS C 85 2.72 -15.65 -2.41
CA LYS C 85 1.91 -16.61 -1.68
C LYS C 85 2.49 -17.98 -1.93
N GLY C 86 2.64 -18.77 -0.86
CA GLY C 86 3.19 -20.10 -1.03
C GLY C 86 3.78 -20.71 0.22
N ASN C 87 4.51 -21.81 0.06
CA ASN C 87 5.14 -22.48 1.17
C ASN C 87 6.62 -22.18 1.10
N TYR C 88 7.22 -21.90 2.24
CA TYR C 88 8.63 -21.62 2.29
C TYR C 88 9.23 -22.60 3.27
N THR C 89 10.24 -23.35 2.82
CA THR C 89 10.89 -24.33 3.66
C THR C 89 12.36 -24.03 3.90
N CYS C 90 12.76 -24.06 5.15
CA CYS C 90 14.15 -23.83 5.48
C CYS C 90 14.75 -25.19 5.70
N ILE C 91 15.98 -25.39 5.27
CA ILE C 91 16.68 -26.64 5.43
C ILE C 91 18.05 -26.44 6.04
N VAL C 92 18.15 -26.76 7.32
CA VAL C 92 19.41 -26.66 8.05
C VAL C 92 20.00 -28.05 8.07
N GLU C 93 21.26 -28.16 7.65
CA GLU C 93 21.88 -29.47 7.59
C GLU C 93 23.41 -29.47 7.62
N ASN C 94 23.97 -30.45 8.30
CA ASN C 94 25.41 -30.65 8.36
C ASN C 94 25.63 -32.11 7.97
N GLU C 95 26.82 -32.62 8.21
CA GLU C 95 27.17 -33.99 7.86
C GLU C 95 26.45 -35.09 8.65
N TYR C 96 25.97 -34.78 9.84
CA TYR C 96 25.32 -35.80 10.66
C TYR C 96 23.81 -35.70 10.76
N GLY C 97 23.19 -34.96 9.85
CA GLY C 97 21.75 -34.83 9.90
C GLY C 97 21.22 -33.58 9.23
N SER C 98 19.90 -33.52 9.13
CA SER C 98 19.21 -32.39 8.52
C SER C 98 17.87 -32.23 9.20
N ILE C 99 17.39 -31.00 9.23
CA ILE C 99 16.12 -30.67 9.82
C ILE C 99 15.47 -29.65 8.89
N ASN C 100 14.17 -29.45 9.02
CA ASN C 100 13.49 -28.51 8.17
C ASN C 100 12.12 -28.15 8.70
N HIS C 101 11.77 -26.89 8.54
CA HIS C 101 10.47 -26.39 8.97
C HIS C 101 9.89 -25.69 7.75
N THR C 102 8.57 -25.58 7.71
CA THR C 102 7.92 -24.95 6.58
C THR C 102 6.83 -23.98 7.01
N TYR C 103 6.93 -22.73 6.55
CA TYR C 103 5.94 -21.73 6.88
C TYR C 103 5.05 -21.47 5.67
N GLN C 104 3.82 -21.03 5.93
CA GLN C 104 2.86 -20.76 4.87
C GLN C 104 2.65 -19.27 4.81
N LEU C 105 2.85 -18.68 3.63
CA LEU C 105 2.65 -17.25 3.48
C LEU C 105 1.41 -17.01 2.67
N ASP C 106 0.57 -16.12 3.17
CA ASP C 106 -0.64 -15.77 2.47
C ASP C 106 -0.73 -14.25 2.50
N VAL C 107 -0.86 -13.67 1.32
CA VAL C 107 -0.95 -12.22 1.18
C VAL C 107 -2.36 -11.80 0.76
N VAL C 108 -2.90 -10.82 1.48
CA VAL C 108 -4.25 -10.33 1.22
C VAL C 108 -4.20 -8.90 0.68
N GLU C 109 -4.68 -8.66 -0.53
CA GLU C 109 -4.66 -7.31 -1.09
C GLU C 109 -5.86 -6.52 -0.57
N ARG C 110 -5.61 -5.36 0.02
CA ARG C 110 -6.70 -4.54 0.56
C ARG C 110 -7.17 -3.42 -0.37
N SER C 111 -8.48 -3.18 -0.40
CA SER C 111 -9.07 -2.12 -1.23
C SER C 111 -9.75 -1.08 -0.33
N PRO C 112 -9.02 -0.03 0.08
CA PRO C 112 -9.48 1.06 0.96
C PRO C 112 -10.21 2.15 0.20
N HIS C 113 -11.41 1.85 -0.28
CA HIS C 113 -12.18 2.82 -1.05
C HIS C 113 -13.66 2.69 -0.77
N ARG C 114 -14.43 3.69 -1.19
CA ARG C 114 -15.86 3.61 -0.98
C ARG C 114 -16.30 2.43 -1.85
N PRO C 115 -17.46 1.86 -1.56
CA PRO C 115 -17.90 0.73 -2.39
C PRO C 115 -18.00 1.05 -3.88
N ILE C 116 -17.93 0.01 -4.70
CA ILE C 116 -18.01 0.16 -6.15
C ILE C 116 -19.19 -0.65 -6.67
N LEU C 117 -20.08 -0.01 -7.43
CA LEU C 117 -21.25 -0.71 -7.96
C LEU C 117 -21.05 -1.08 -9.42
N GLN C 118 -21.37 -2.33 -9.78
CA GLN C 118 -21.21 -2.77 -11.17
C GLN C 118 -21.93 -1.77 -12.07
N ALA C 119 -21.19 -1.20 -13.02
CA ALA C 119 -21.77 -0.26 -13.95
C ALA C 119 -22.93 -0.92 -14.67
N GLY C 120 -23.97 -0.16 -14.98
CA GLY C 120 -25.09 -0.71 -15.69
C GLY C 120 -26.19 -1.23 -14.81
N LEU C 121 -25.89 -1.46 -13.54
CA LEU C 121 -26.89 -1.95 -12.60
C LEU C 121 -27.08 -0.98 -11.45
N PRO C 122 -28.35 -0.76 -11.04
CA PRO C 122 -29.56 -1.40 -11.59
C PRO C 122 -29.84 -0.91 -13.01
N ALA C 123 -30.70 -1.61 -13.72
CA ALA C 123 -30.99 -1.23 -15.09
C ALA C 123 -32.39 -0.72 -15.32
N ASN C 124 -32.52 0.33 -16.13
CA ASN C 124 -33.83 0.86 -16.42
C ASN C 124 -34.66 -0.26 -17.01
N LYS C 125 -35.93 -0.31 -16.63
CA LYS C 125 -36.79 -1.34 -17.16
C LYS C 125 -38.16 -0.73 -17.39
N THR C 126 -38.74 -1.06 -18.53
CA THR C 126 -40.08 -0.61 -18.87
C THR C 126 -40.92 -1.88 -18.80
N VAL C 127 -42.03 -1.84 -18.07
CA VAL C 127 -42.86 -3.02 -17.94
C VAL C 127 -44.34 -2.73 -17.96
N ALA C 128 -45.12 -3.80 -18.14
CA ALA C 128 -46.56 -3.70 -18.21
C ALA C 128 -47.15 -3.50 -16.82
N LEU C 129 -48.24 -2.76 -16.74
CA LEU C 129 -48.89 -2.53 -15.45
C LEU C 129 -49.20 -3.89 -14.85
N GLY C 130 -49.02 -4.02 -13.54
CA GLY C 130 -49.30 -5.28 -12.88
C GLY C 130 -48.19 -6.33 -12.92
N SER C 131 -47.20 -6.15 -13.80
CA SER C 131 -46.09 -7.08 -13.92
C SER C 131 -45.28 -7.27 -12.63
N ASN C 132 -44.22 -8.05 -12.74
CA ASN C 132 -43.28 -8.29 -11.65
C ASN C 132 -41.95 -7.80 -12.17
N VAL C 133 -41.15 -7.19 -11.30
CA VAL C 133 -39.86 -6.69 -11.73
C VAL C 133 -38.87 -6.78 -10.61
N GLU C 134 -37.62 -7.05 -10.96
CA GLU C 134 -36.58 -7.11 -9.96
C GLU C 134 -35.34 -6.34 -10.41
N PHE C 135 -34.87 -5.45 -9.54
CA PHE C 135 -33.70 -4.65 -9.83
C PHE C 135 -32.49 -5.32 -9.21
N MET C 136 -31.33 -5.12 -9.83
CA MET C 136 -30.14 -5.74 -9.33
C MET C 136 -29.02 -4.73 -9.02
N CYS C 137 -28.18 -5.08 -8.05
CA CYS C 137 -27.09 -4.20 -7.64
C CYS C 137 -25.90 -5.02 -7.17
N LYS C 138 -24.81 -5.00 -7.94
CA LYS C 138 -23.60 -5.73 -7.61
C LYS C 138 -22.60 -4.79 -6.95
N VAL C 139 -22.32 -5.02 -5.66
CA VAL C 139 -21.41 -4.17 -4.91
C VAL C 139 -20.07 -4.83 -4.58
N TYR C 140 -19.00 -4.02 -4.62
CA TYR C 140 -17.67 -4.48 -4.27
C TYR C 140 -17.22 -3.59 -3.13
N SER C 141 -16.44 -4.12 -2.20
CA SER C 141 -15.97 -3.32 -1.08
C SER C 141 -15.17 -4.17 -0.13
N ASP C 142 -13.94 -3.75 0.15
CA ASP C 142 -13.13 -4.51 1.07
C ASP C 142 -13.88 -4.42 2.40
N PRO C 143 -13.92 -3.23 3.01
CA PRO C 143 -14.65 -3.13 4.28
C PRO C 143 -16.11 -3.54 4.08
N GLN C 144 -16.71 -4.15 5.08
CA GLN C 144 -18.09 -4.57 4.99
C GLN C 144 -18.96 -3.38 4.54
N PRO C 145 -19.58 -3.48 3.36
CA PRO C 145 -20.43 -2.38 2.88
C PRO C 145 -21.85 -2.52 3.41
N HIS C 146 -22.57 -1.41 3.44
CA HIS C 146 -23.95 -1.43 3.88
C HIS C 146 -24.85 -0.98 2.73
N ILE C 147 -25.55 -1.93 2.13
CA ILE C 147 -26.40 -1.62 1.00
C ILE C 147 -27.80 -1.23 1.44
N GLN C 148 -28.45 -0.40 0.62
CA GLN C 148 -29.79 0.05 0.93
C GLN C 148 -30.51 0.41 -0.35
N TRP C 149 -31.78 0.01 -0.47
CA TRP C 149 -32.54 0.33 -1.67
C TRP C 149 -33.50 1.47 -1.43
N LEU C 150 -33.57 2.39 -2.38
CA LEU C 150 -34.43 3.56 -2.27
C LEU C 150 -35.33 3.80 -3.46
N LYS C 151 -36.42 4.49 -3.21
CA LYS C 151 -37.38 4.86 -4.24
C LYS C 151 -37.47 6.36 -4.09
N HIS C 152 -37.39 7.08 -5.20
CA HIS C 152 -37.46 8.53 -5.16
C HIS C 152 -38.87 8.96 -5.33
N ILE C 153 -39.33 9.78 -4.40
CA ILE C 153 -40.70 10.25 -4.42
C ILE C 153 -40.79 11.71 -4.84
N GLU C 154 -42.00 12.12 -5.18
CA GLU C 154 -42.31 13.48 -5.57
C GLU C 154 -43.51 13.85 -4.71
N VAL C 155 -43.36 14.81 -3.80
CA VAL C 155 -44.47 15.21 -2.93
C VAL C 155 -45.39 16.18 -3.67
N ASN C 156 -45.05 16.42 -4.93
CA ASN C 156 -45.79 17.28 -5.86
C ASN C 156 -44.97 17.11 -7.13
N GLY C 157 -44.92 18.16 -7.96
CA GLY C 157 -44.09 18.06 -9.15
C GLY C 157 -42.67 18.25 -8.62
N SER C 158 -42.58 18.23 -7.30
CA SER C 158 -41.33 18.42 -6.57
C SER C 158 -40.75 17.09 -6.15
N LYS C 159 -39.52 16.84 -6.60
CA LYS C 159 -38.83 15.61 -6.26
C LYS C 159 -37.76 15.97 -5.24
N ILE C 160 -37.69 17.26 -4.93
CA ILE C 160 -36.73 17.77 -3.97
C ILE C 160 -37.41 18.45 -2.79
N GLY C 161 -36.93 18.16 -1.59
CA GLY C 161 -37.50 18.75 -0.39
C GLY C 161 -36.89 20.10 -0.05
N PRO C 162 -37.49 20.83 0.91
CA PRO C 162 -37.00 22.15 1.32
C PRO C 162 -35.50 22.20 1.59
N ASP C 163 -34.96 21.14 2.19
CA ASP C 163 -33.53 21.08 2.50
C ASP C 163 -32.66 20.75 1.30
N ASN C 164 -33.26 20.80 0.12
CA ASN C 164 -32.55 20.51 -1.13
C ASN C 164 -32.09 19.04 -1.21
N LEU C 165 -32.78 18.17 -0.48
CA LEU C 165 -32.49 16.74 -0.51
C LEU C 165 -33.65 16.10 -1.25
N PRO C 166 -33.47 14.88 -1.77
CA PRO C 166 -34.55 14.20 -2.51
C PRO C 166 -35.49 13.38 -1.61
N TYR C 167 -36.80 13.52 -1.85
CA TYR C 167 -37.80 12.78 -1.09
C TYR C 167 -37.60 11.32 -1.45
N VAL C 168 -37.34 10.48 -0.46
CA VAL C 168 -37.13 9.08 -0.74
C VAL C 168 -37.89 8.18 0.19
N GLN C 169 -37.98 6.92 -0.20
CA GLN C 169 -38.65 5.91 0.58
C GLN C 169 -37.68 4.74 0.71
N ILE C 170 -37.27 4.43 1.93
CA ILE C 170 -36.36 3.31 2.13
C ILE C 170 -37.18 2.07 1.82
N LEU C 171 -36.63 1.17 1.02
CA LEU C 171 -37.35 -0.05 0.66
C LEU C 171 -36.67 -1.30 1.18
N LYS C 172 -35.37 -1.23 1.40
CA LYS C 172 -34.61 -2.39 1.86
C LYS C 172 -33.33 -1.90 2.54
N THR C 173 -32.96 -2.54 3.64
CA THR C 173 -31.76 -2.10 4.36
C THR C 173 -30.97 -3.29 4.85
N ALA C 174 -29.69 -3.36 4.49
CA ALA C 174 -28.85 -4.45 4.92
C ALA C 174 -28.85 -4.53 6.43
N GLY C 175 -28.62 -5.72 6.96
CA GLY C 175 -28.60 -5.88 8.40
C GLY C 175 -28.97 -7.29 8.80
N VAL C 176 -29.02 -7.52 10.11
CA VAL C 176 -29.34 -8.84 10.62
C VAL C 176 -30.70 -9.34 10.15
N ASN C 177 -31.65 -8.45 9.92
CA ASN C 177 -32.97 -8.87 9.49
C ASN C 177 -33.04 -9.03 7.97
N THR C 178 -32.10 -8.40 7.28
CA THR C 178 -32.02 -8.46 5.84
C THR C 178 -30.56 -8.59 5.54
N THR C 179 -30.11 -9.83 5.42
CA THR C 179 -28.71 -10.09 5.15
C THR C 179 -28.28 -9.81 3.72
N ASP C 180 -26.98 -9.61 3.53
CA ASP C 180 -26.46 -9.30 2.21
C ASP C 180 -26.86 -10.32 1.13
N LYS C 181 -27.31 -11.51 1.54
CA LYS C 181 -27.73 -12.54 0.60
C LYS C 181 -28.79 -11.97 -0.33
N GLU C 182 -29.82 -11.37 0.25
CA GLU C 182 -30.92 -10.82 -0.52
C GLU C 182 -30.86 -9.34 -0.85
N MET C 183 -29.77 -8.68 -0.47
CA MET C 183 -29.63 -7.25 -0.73
C MET C 183 -29.26 -6.85 -2.15
N GLU C 184 -28.71 -7.77 -2.92
CA GLU C 184 -28.34 -7.40 -4.27
C GLU C 184 -29.50 -7.42 -5.28
N VAL C 185 -30.71 -7.71 -4.79
CA VAL C 185 -31.86 -7.74 -5.68
C VAL C 185 -33.13 -7.24 -5.01
N LEU C 186 -33.77 -6.27 -5.65
CA LEU C 186 -35.00 -5.65 -5.16
C LEU C 186 -36.19 -6.19 -5.97
N HIS C 187 -37.15 -6.80 -5.28
CA HIS C 187 -38.32 -7.35 -5.95
C HIS C 187 -39.53 -6.43 -5.83
N LEU C 188 -40.08 -6.06 -6.97
CA LEU C 188 -41.26 -5.22 -7.01
C LEU C 188 -42.34 -6.09 -7.57
N ARG C 189 -43.21 -6.60 -6.69
CA ARG C 189 -44.29 -7.47 -7.13
C ARG C 189 -45.53 -6.72 -7.60
N ASN C 190 -46.12 -7.23 -8.68
CA ASN C 190 -47.32 -6.66 -9.30
C ASN C 190 -47.36 -5.15 -9.24
N VAL C 191 -46.57 -4.53 -10.12
CA VAL C 191 -46.43 -3.08 -10.19
C VAL C 191 -47.69 -2.31 -10.55
N SER C 192 -47.64 -0.99 -10.32
CA SER C 192 -48.74 -0.09 -10.61
C SER C 192 -48.14 1.23 -11.07
N PHE C 193 -48.96 2.09 -11.67
CA PHE C 193 -48.47 3.38 -12.15
C PHE C 193 -47.73 4.12 -11.03
N GLU C 194 -48.09 3.79 -9.80
CA GLU C 194 -47.48 4.41 -8.65
C GLU C 194 -46.03 3.99 -8.54
N ASP C 195 -45.78 2.68 -8.59
CA ASP C 195 -44.41 2.16 -8.48
C ASP C 195 -43.48 2.74 -9.54
N ALA C 196 -44.06 3.40 -10.54
CA ALA C 196 -43.27 3.99 -11.60
C ALA C 196 -42.34 5.02 -10.98
N GLY C 197 -41.13 5.11 -11.51
CA GLY C 197 -40.19 6.07 -10.97
C GLY C 197 -38.75 5.62 -10.90
N GLU C 198 -37.94 6.40 -10.19
CA GLU C 198 -36.54 6.13 -10.06
C GLU C 198 -36.15 5.43 -8.77
N TYR C 199 -35.46 4.30 -8.90
CA TYR C 199 -35.02 3.55 -7.75
C TYR C 199 -33.51 3.68 -7.64
N THR C 200 -33.00 3.63 -6.41
CA THR C 200 -31.59 3.79 -6.19
C THR C 200 -30.99 2.74 -5.30
N CYS C 201 -29.82 2.26 -5.66
CA CYS C 201 -29.13 1.30 -4.85
C CYS C 201 -28.00 2.10 -4.29
N LEU C 202 -28.03 2.25 -2.97
CA LEU C 202 -27.03 3.02 -2.26
C LEU C 202 -26.22 2.08 -1.39
N ALA C 203 -24.91 2.12 -1.53
CA ALA C 203 -24.04 1.27 -0.73
C ALA C 203 -22.92 2.13 -0.22
N GLY C 204 -22.60 2.00 1.06
CA GLY C 204 -21.53 2.80 1.61
C GLY C 204 -20.81 2.12 2.75
N ASN C 205 -19.51 2.40 2.86
CA ASN C 205 -18.73 1.85 3.94
C ASN C 205 -18.18 3.04 4.72
N SER C 206 -17.22 2.79 5.60
CA SER C 206 -16.64 3.84 6.41
C SER C 206 -15.79 4.84 5.63
N ILE C 207 -15.56 4.58 4.35
CA ILE C 207 -14.73 5.46 3.55
C ILE C 207 -15.51 6.41 2.65
N GLY C 208 -16.68 5.99 2.22
CA GLY C 208 -17.48 6.85 1.36
C GLY C 208 -18.79 6.23 0.95
N LEU C 209 -19.56 6.94 0.13
CA LEU C 209 -20.85 6.44 -0.33
C LEU C 209 -20.91 6.36 -1.85
N SER C 210 -21.60 5.32 -2.35
CA SER C 210 -21.78 5.10 -3.78
C SER C 210 -23.20 4.67 -4.03
N HIS C 211 -23.75 5.07 -5.16
CA HIS C 211 -25.11 4.72 -5.50
C HIS C 211 -25.34 4.75 -6.99
N HIS C 212 -26.23 3.87 -7.46
CA HIS C 212 -26.60 3.80 -8.85
C HIS C 212 -28.11 3.86 -8.88
N SER C 213 -28.67 4.69 -9.76
CA SER C 213 -30.11 4.78 -9.85
C SER C 213 -30.58 4.01 -11.07
N ALA C 214 -31.88 4.06 -11.34
CA ALA C 214 -32.47 3.37 -12.48
C ALA C 214 -33.91 3.76 -12.54
N TRP C 215 -34.47 3.78 -13.74
CA TRP C 215 -35.85 4.17 -13.90
C TRP C 215 -36.82 3.07 -14.24
N LEU C 216 -37.93 3.04 -13.53
CA LEU C 216 -38.97 2.06 -13.79
C LEU C 216 -40.08 2.77 -14.57
N THR C 217 -40.34 2.28 -15.77
CA THR C 217 -41.39 2.83 -16.64
C THR C 217 -42.53 1.81 -16.70
N VAL C 218 -43.72 2.23 -16.30
CA VAL C 218 -44.87 1.34 -16.32
C VAL C 218 -45.94 1.76 -17.33
N LEU C 219 -46.34 0.83 -18.19
CA LEU C 219 -47.34 1.13 -19.20
C LEU C 219 -48.60 0.25 -19.06
N MET D 9 35.65 -1.38 36.91
CA MET D 9 36.36 -0.59 35.87
C MET D 9 35.37 0.21 35.01
N PRO D 10 34.94 1.38 35.50
CA PRO D 10 33.99 2.22 34.77
C PRO D 10 34.37 2.59 33.34
N VAL D 11 33.35 2.67 32.50
CA VAL D 11 33.50 3.02 31.09
C VAL D 11 32.18 3.62 30.59
N ALA D 12 32.27 4.78 29.96
CA ALA D 12 31.10 5.46 29.45
C ALA D 12 30.55 4.71 28.23
N PRO D 13 29.23 4.77 28.02
CA PRO D 13 28.66 4.06 26.86
C PRO D 13 29.33 4.49 25.57
N TYR D 14 29.59 3.53 24.68
CA TYR D 14 30.20 3.86 23.40
C TYR D 14 29.67 2.99 22.27
N TRP D 15 29.71 3.50 21.04
CA TRP D 15 29.23 2.77 19.88
C TRP D 15 30.16 1.61 19.60
N THR D 16 29.61 0.40 19.52
CA THR D 16 30.43 -0.78 19.25
C THR D 16 30.51 -1.03 17.75
N SER D 17 29.45 -0.67 17.03
CA SER D 17 29.41 -0.84 15.57
C SER D 17 29.01 0.51 14.97
N PRO D 18 29.93 1.47 14.96
CA PRO D 18 29.69 2.80 14.41
C PRO D 18 29.34 2.82 12.94
N GLU D 19 29.89 1.88 12.19
CA GLU D 19 29.64 1.82 10.76
C GLU D 19 28.22 1.53 10.34
N LYS D 20 27.55 0.70 11.14
CA LYS D 20 26.17 0.35 10.87
C LYS D 20 25.23 1.44 11.37
N MET D 21 25.74 2.67 11.44
CA MET D 21 24.97 3.80 11.91
C MET D 21 25.14 4.94 10.91
N GLU D 22 25.90 4.66 9.86
CA GLU D 22 26.19 5.64 8.81
C GLU D 22 24.96 6.16 8.09
N LYS D 23 24.06 5.25 7.73
CA LYS D 23 22.84 5.59 7.02
C LYS D 23 21.85 6.29 7.94
N LYS D 24 21.92 7.63 7.99
CA LYS D 24 21.04 8.40 8.86
C LYS D 24 19.64 8.64 8.31
N LEU D 25 19.48 8.59 6.98
CA LEU D 25 18.19 8.80 6.38
C LEU D 25 17.61 7.51 5.81
N HIS D 26 16.46 7.10 6.34
CA HIS D 26 15.81 5.89 5.87
C HIS D 26 14.54 6.27 5.12
N ALA D 27 14.59 6.19 3.80
CA ALA D 27 13.44 6.49 2.97
C ALA D 27 12.91 5.15 2.49
N VAL D 28 11.63 4.90 2.74
CA VAL D 28 11.02 3.63 2.35
C VAL D 28 9.56 3.82 1.94
N PRO D 29 8.99 2.84 1.20
CA PRO D 29 7.60 2.99 0.81
C PRO D 29 6.81 2.50 2.01
N ALA D 30 5.54 2.88 2.09
CA ALA D 30 4.73 2.49 3.24
C ALA D 30 4.66 0.97 3.50
N ALA D 31 4.34 0.64 4.74
CA ALA D 31 4.18 -0.75 5.17
C ALA D 31 5.50 -1.44 5.42
N LYS D 32 6.55 -1.00 4.73
CA LYS D 32 7.86 -1.60 4.90
C LYS D 32 8.20 -1.60 6.37
N THR D 33 8.82 -2.66 6.87
CA THR D 33 9.20 -2.70 8.28
C THR D 33 10.51 -1.95 8.41
N VAL D 34 10.60 -1.09 9.41
CA VAL D 34 11.83 -0.34 9.59
C VAL D 34 12.44 -0.65 10.95
N LYS D 35 13.76 -0.73 10.99
CA LYS D 35 14.47 -1.01 12.21
C LYS D 35 15.68 -0.10 12.31
N PHE D 36 15.81 0.58 13.45
CA PHE D 36 16.94 1.47 13.71
C PHE D 36 17.73 0.85 14.85
N LYS D 37 19.05 0.80 14.72
CA LYS D 37 19.89 0.24 15.78
C LYS D 37 21.02 1.15 16.23
N CYS D 38 21.39 1.00 17.49
CA CYS D 38 22.46 1.80 18.08
C CYS D 38 23.39 0.91 18.87
N PRO D 39 24.04 -0.06 18.18
CA PRO D 39 24.96 -0.97 18.85
C PRO D 39 25.98 -0.19 19.66
N SER D 40 25.91 -0.37 20.97
CA SER D 40 26.79 0.31 21.91
C SER D 40 27.10 -0.58 23.12
N SER D 41 28.10 -0.18 23.89
CA SER D 41 28.50 -0.91 25.08
C SER D 41 29.03 0.04 26.13
N GLY D 42 29.43 -0.52 27.27
CA GLY D 42 29.95 0.31 28.34
C GLY D 42 29.59 -0.27 29.70
N THR D 43 30.51 -0.13 30.65
CA THR D 43 30.29 -0.66 31.99
C THR D 43 30.18 0.44 33.04
N PRO D 44 29.14 0.40 33.87
CA PRO D 44 28.07 -0.61 33.86
C PRO D 44 27.21 -0.51 32.60
N GLN D 45 26.62 -1.63 32.18
CA GLN D 45 25.78 -1.66 30.98
C GLN D 45 24.86 -0.46 30.88
N PRO D 46 24.92 0.24 29.75
CA PRO D 46 24.07 1.42 29.52
C PRO D 46 22.63 1.06 29.21
N THR D 47 21.72 1.96 29.54
CA THR D 47 20.32 1.75 29.26
C THR D 47 20.03 2.33 27.88
N LEU D 48 18.98 1.84 27.23
CA LEU D 48 18.64 2.28 25.89
C LEU D 48 17.20 2.83 25.81
N ARG D 49 17.05 4.03 25.29
CA ARG D 49 15.71 4.63 25.17
C ARG D 49 15.60 5.30 23.82
N TRP D 50 14.39 5.49 23.32
CA TRP D 50 14.21 6.12 22.01
C TRP D 50 13.32 7.35 22.03
N LEU D 51 13.52 8.23 21.07
CA LEU D 51 12.74 9.45 20.99
C LEU D 51 12.27 9.77 19.57
N LYS D 52 10.99 10.06 19.44
CA LYS D 52 10.45 10.42 18.14
C LYS D 52 10.39 11.93 18.17
N ASN D 53 11.17 12.56 17.30
CA ASN D 53 11.22 14.02 17.21
C ASN D 53 11.48 14.62 18.58
N GLY D 54 12.50 14.14 19.26
CA GLY D 54 12.83 14.68 20.57
C GLY D 54 11.93 14.27 21.72
N LYS D 55 10.63 14.12 21.46
CA LYS D 55 9.71 13.73 22.52
C LYS D 55 9.84 12.25 22.87
N GLU D 56 9.31 11.87 24.03
CA GLU D 56 9.36 10.49 24.48
C GLU D 56 8.39 9.61 23.72
N PHE D 57 8.90 8.55 23.11
CA PHE D 57 8.05 7.63 22.33
C PHE D 57 7.41 6.64 23.31
N LYS D 58 6.38 5.96 22.86
CA LYS D 58 5.71 4.95 23.69
C LYS D 58 4.93 3.99 22.77
N PRO D 59 5.05 2.67 22.99
CA PRO D 59 4.37 1.66 22.19
C PRO D 59 2.96 1.99 21.71
N ASP D 60 2.10 2.50 22.58
CA ASP D 60 0.75 2.85 22.18
C ASP D 60 0.71 4.05 21.23
N HIS D 61 1.86 4.66 20.95
CA HIS D 61 1.86 5.83 20.09
C HIS D 61 1.74 5.59 18.61
N ARG D 62 1.64 4.32 18.20
CA ARG D 62 1.46 3.98 16.80
C ARG D 62 0.76 2.64 16.73
N ILE D 63 -0.01 2.41 15.66
CA ILE D 63 -0.71 1.11 15.51
C ILE D 63 0.32 0.01 15.44
N GLY D 64 0.09 -1.07 16.20
CA GLY D 64 1.03 -2.18 16.21
C GLY D 64 2.20 -1.83 17.09
N GLY D 65 2.28 -0.55 17.47
CA GLY D 65 3.34 -0.09 18.33
C GLY D 65 4.75 -0.35 17.83
N TYR D 66 5.71 -0.22 18.74
CA TYR D 66 7.13 -0.42 18.45
C TYR D 66 7.64 -1.59 19.27
N LYS D 67 8.78 -2.14 18.86
CA LYS D 67 9.41 -3.23 19.58
C LYS D 67 10.87 -2.85 19.79
N VAL D 68 11.33 -2.89 21.03
CA VAL D 68 12.73 -2.55 21.32
C VAL D 68 13.51 -3.79 21.74
N ARG D 69 14.53 -4.15 20.96
CA ARG D 69 15.38 -5.29 21.31
C ARG D 69 16.72 -4.82 21.81
N TYR D 70 16.77 -4.60 23.12
CA TYR D 70 17.95 -4.15 23.82
C TYR D 70 19.08 -5.10 23.44
N ALA D 71 18.73 -6.36 23.25
CA ALA D 71 19.70 -7.37 22.89
C ALA D 71 20.55 -6.91 21.72
N THR D 72 19.98 -6.09 20.86
CA THR D 72 20.67 -5.59 19.68
C THR D 72 20.63 -4.07 19.58
N TRP D 73 20.23 -3.43 20.68
CA TRP D 73 20.13 -1.97 20.75
C TRP D 73 19.34 -1.44 19.58
N SER D 74 18.20 -2.07 19.31
CA SER D 74 17.40 -1.62 18.18
C SER D 74 15.93 -1.39 18.52
N ILE D 75 15.29 -0.65 17.62
CA ILE D 75 13.87 -0.37 17.77
C ILE D 75 13.28 -0.82 16.44
N ILE D 76 12.09 -1.40 16.48
CA ILE D 76 11.50 -1.87 15.25
C ILE D 76 10.08 -1.38 15.01
N MET D 77 9.84 -0.98 13.78
CA MET D 77 8.53 -0.49 13.39
C MET D 77 8.06 -1.28 12.19
N ASP D 78 7.00 -2.01 12.45
CA ASP D 78 6.32 -2.88 11.54
C ASP D 78 5.35 -2.01 10.72
N SER D 79 5.17 -2.32 9.43
CA SER D 79 4.28 -1.57 8.54
C SER D 79 4.21 -0.06 8.85
N VAL D 80 5.26 0.64 8.44
CA VAL D 80 5.38 2.09 8.65
C VAL D 80 4.43 2.86 7.77
N VAL D 81 4.02 4.04 8.23
CA VAL D 81 3.07 4.87 7.51
C VAL D 81 3.46 6.34 7.66
N PRO D 82 2.92 7.21 6.78
CA PRO D 82 3.23 8.64 6.83
C PRO D 82 3.35 9.21 8.25
N SER D 83 2.45 8.79 9.14
CA SER D 83 2.44 9.26 10.51
C SER D 83 3.78 9.02 11.22
N ASP D 84 4.55 8.05 10.74
CA ASP D 84 5.83 7.72 11.36
C ASP D 84 6.97 8.59 10.89
N LYS D 85 6.76 9.31 9.79
CA LYS D 85 7.79 10.20 9.28
C LYS D 85 8.29 11.04 10.44
N GLY D 86 9.60 11.14 10.59
CA GLY D 86 10.15 11.92 11.67
C GLY D 86 11.59 11.60 12.03
N ASN D 87 12.05 12.14 13.14
CA ASN D 87 13.40 11.87 13.60
C ASN D 87 13.28 10.91 14.77
N TYR D 88 14.16 9.93 14.81
CA TYR D 88 14.17 8.98 15.91
C TYR D 88 15.54 9.03 16.52
N THR D 89 15.60 9.26 17.82
CA THR D 89 16.86 9.33 18.53
C THR D 89 17.01 8.25 19.59
N CYS D 90 18.14 7.55 19.56
CA CYS D 90 18.40 6.53 20.55
C CYS D 90 19.36 7.17 21.55
N ILE D 91 19.15 6.85 22.82
CA ILE D 91 19.95 7.39 23.89
C ILE D 91 20.50 6.28 24.77
N VAL D 92 21.77 5.97 24.59
CA VAL D 92 22.42 4.94 25.38
C VAL D 92 23.19 5.68 26.48
N GLU D 93 22.95 5.30 27.73
CA GLU D 93 23.59 6.00 28.85
C GLU D 93 23.74 5.18 30.12
N ASN D 94 24.85 5.39 30.81
CA ASN D 94 25.10 4.75 32.09
C ASN D 94 25.50 5.89 33.00
N GLU D 95 26.06 5.57 34.17
CA GLU D 95 26.43 6.60 35.13
C GLU D 95 27.63 7.47 34.76
N TYR D 96 28.45 7.02 33.83
CA TYR D 96 29.65 7.76 33.44
C TYR D 96 29.57 8.45 32.10
N GLY D 97 28.37 8.58 31.55
CA GLY D 97 28.24 9.22 30.27
C GLY D 97 27.03 8.81 29.49
N SER D 98 26.82 9.47 28.35
CA SER D 98 25.70 9.21 27.48
C SER D 98 26.09 9.50 26.05
N ILE D 99 25.48 8.79 25.11
CA ILE D 99 25.72 9.03 23.68
C ILE D 99 24.37 8.92 23.01
N ASN D 100 24.29 9.41 21.79
CA ASN D 100 23.02 9.37 21.08
C ASN D 100 23.20 9.59 19.59
N HIS D 101 22.39 8.88 18.83
CA HIS D 101 22.42 8.95 17.38
C HIS D 101 20.99 9.25 16.96
N THR D 102 20.81 9.86 15.80
CA THR D 102 19.48 10.18 15.32
C THR D 102 19.30 9.81 13.87
N TYR D 103 18.27 9.01 13.59
CA TYR D 103 17.96 8.59 12.24
C TYR D 103 16.75 9.35 11.74
N GLN D 104 16.67 9.53 10.43
CA GLN D 104 15.55 10.24 9.86
C GLN D 104 14.74 9.26 9.02
N LEU D 105 13.45 9.17 9.34
CA LEU D 105 12.57 8.28 8.62
C LEU D 105 11.69 9.07 7.68
N ASP D 106 11.59 8.61 6.45
CA ASP D 106 10.75 9.24 5.45
C ASP D 106 9.99 8.12 4.75
N VAL D 107 8.67 8.21 4.79
CA VAL D 107 7.79 7.23 4.18
C VAL D 107 7.19 7.79 2.90
N VAL D 108 7.31 7.03 1.82
CA VAL D 108 6.81 7.45 0.50
C VAL D 108 5.62 6.65 0.01
N GLU D 109 4.56 7.35 -0.37
CA GLU D 109 3.39 6.68 -0.92
C GLU D 109 3.59 6.86 -2.43
N ARG D 110 3.35 5.80 -3.20
CA ARG D 110 3.52 5.86 -4.65
C ARG D 110 2.15 5.82 -5.29
N SER D 111 1.98 6.55 -6.37
CA SER D 111 0.71 6.55 -7.07
C SER D 111 0.89 5.85 -8.40
N PRO D 112 0.75 4.53 -8.39
CA PRO D 112 0.89 3.67 -9.57
C PRO D 112 -0.36 3.68 -10.43
N HIS D 113 -0.56 4.75 -11.17
CA HIS D 113 -1.72 4.83 -12.04
C HIS D 113 -1.41 5.61 -13.30
N ARG D 114 -2.31 5.54 -14.28
CA ARG D 114 -2.13 6.28 -15.51
C ARG D 114 -2.14 7.75 -15.11
N PRO D 115 -1.56 8.63 -15.93
CA PRO D 115 -1.56 10.06 -15.58
C PRO D 115 -2.96 10.63 -15.36
N ILE D 116 -3.04 11.69 -14.58
CA ILE D 116 -4.32 12.33 -14.30
C ILE D 116 -4.26 13.76 -14.78
N LEU D 117 -5.23 14.17 -15.60
CA LEU D 117 -5.25 15.53 -16.14
C LEU D 117 -6.26 16.39 -15.39
N GLN D 118 -5.84 17.59 -14.99
CA GLN D 118 -6.71 18.51 -14.27
C GLN D 118 -8.02 18.64 -15.04
N ALA D 119 -9.13 18.32 -14.39
CA ALA D 119 -10.42 18.42 -15.04
C ALA D 119 -10.64 19.85 -15.49
N GLY D 120 -11.29 20.02 -16.64
CA GLY D 120 -11.55 21.35 -17.14
C GLY D 120 -10.49 21.85 -18.10
N LEU D 121 -9.32 21.24 -18.06
CA LEU D 121 -8.24 21.63 -18.96
C LEU D 121 -7.88 20.51 -19.92
N PRO D 122 -7.66 20.84 -21.21
CA PRO D 122 -7.73 22.18 -21.78
C PRO D 122 -9.16 22.70 -21.80
N ALA D 123 -9.33 23.98 -22.07
CA ALA D 123 -10.67 24.57 -22.08
C ALA D 123 -11.13 25.07 -23.43
N ASN D 124 -12.39 24.81 -23.76
CA ASN D 124 -12.93 25.28 -25.02
C ASN D 124 -12.70 26.78 -25.06
N LYS D 125 -12.37 27.30 -26.23
CA LYS D 125 -12.15 28.72 -26.38
C LYS D 125 -12.66 29.17 -27.73
N THR D 126 -13.44 30.24 -27.73
CA THR D 126 -13.95 30.80 -28.97
C THR D 126 -13.18 32.10 -29.13
N VAL D 127 -12.57 32.28 -30.29
CA VAL D 127 -11.81 33.49 -30.52
C VAL D 127 -11.96 34.06 -31.91
N ALA D 128 -11.50 35.31 -32.04
CA ALA D 128 -11.55 36.05 -33.28
C ALA D 128 -10.52 35.52 -34.27
N LEU D 129 -10.86 35.57 -35.55
CA LEU D 129 -9.96 35.11 -36.58
C LEU D 129 -8.67 35.92 -36.42
N GLY D 130 -7.53 35.26 -36.57
CA GLY D 130 -6.25 35.92 -36.45
C GLY D 130 -5.70 36.11 -35.04
N SER D 131 -6.54 35.90 -34.04
CA SER D 131 -6.10 36.07 -32.66
C SER D 131 -4.99 35.11 -32.27
N ASN D 132 -4.64 35.14 -30.98
CA ASN D 132 -3.64 34.25 -30.43
C ASN D 132 -4.34 33.48 -29.32
N VAL D 133 -4.02 32.22 -29.19
CA VAL D 133 -4.66 31.43 -28.16
C VAL D 133 -3.71 30.37 -27.61
N GLU D 134 -3.87 30.08 -26.33
CA GLU D 134 -3.03 29.08 -25.67
C GLU D 134 -3.89 28.11 -24.88
N PHE D 135 -3.65 26.81 -25.10
CA PHE D 135 -4.37 25.77 -24.39
C PHE D 135 -3.50 25.27 -23.26
N MET D 136 -4.12 24.84 -22.17
CA MET D 136 -3.36 24.36 -21.04
C MET D 136 -3.70 22.95 -20.64
N CYS D 137 -2.72 22.28 -20.06
CA CYS D 137 -2.88 20.90 -19.64
C CYS D 137 -2.07 20.58 -18.40
N LYS D 138 -2.74 20.40 -17.27
CA LYS D 138 -2.07 20.10 -16.01
C LYS D 138 -2.07 18.57 -15.77
N VAL D 139 -0.90 17.96 -15.81
CA VAL D 139 -0.78 16.51 -15.62
C VAL D 139 -0.18 16.10 -14.29
N TYR D 140 -0.67 14.99 -13.74
CA TYR D 140 -0.14 14.44 -12.51
C TYR D 140 0.27 13.01 -12.86
N SER D 141 1.34 12.53 -12.24
CA SER D 141 1.79 11.17 -12.51
C SER D 141 3.04 10.88 -11.72
N ASP D 142 3.01 9.78 -10.98
CA ASP D 142 4.17 9.40 -10.20
C ASP D 142 5.24 9.11 -11.23
N PRO D 143 5.10 8.01 -12.00
CA PRO D 143 6.12 7.72 -13.00
C PRO D 143 6.17 8.88 -14.00
N GLN D 144 7.35 9.15 -14.54
CA GLN D 144 7.50 10.24 -15.48
C GLN D 144 6.51 10.09 -16.61
N PRO D 145 5.58 11.04 -16.75
CA PRO D 145 4.59 10.97 -17.82
C PRO D 145 5.10 11.58 -19.12
N HIS D 146 4.51 11.16 -20.23
CA HIS D 146 4.92 11.71 -21.50
C HIS D 146 3.74 12.41 -22.15
N ILE D 147 3.79 13.74 -22.14
CA ILE D 147 2.73 14.57 -22.69
C ILE D 147 2.88 14.78 -24.19
N GLN D 148 1.75 14.94 -24.87
CA GLN D 148 1.76 15.15 -26.30
C GLN D 148 0.50 15.92 -26.69
N TRP D 149 0.66 16.92 -27.54
CA TRP D 149 -0.46 17.74 -27.99
C TRP D 149 -0.93 17.31 -29.36
N LEU D 150 -2.25 17.17 -29.53
CA LEU D 150 -2.85 16.74 -30.80
C LEU D 150 -3.92 17.66 -31.34
N LYS D 151 -4.10 17.63 -32.65
CA LYS D 151 -5.12 18.40 -33.34
C LYS D 151 -5.85 17.35 -34.15
N HIS D 152 -7.16 17.35 -34.09
CA HIS D 152 -7.95 16.35 -34.83
C HIS D 152 -8.34 16.89 -36.18
N VAL D 168 -5.26 12.65 -36.91
CA VAL D 168 -4.64 13.62 -36.01
C VAL D 168 -3.34 14.19 -36.54
N GLN D 169 -2.95 15.31 -35.94
CA GLN D 169 -1.73 16.01 -36.30
C GLN D 169 -0.97 16.23 -35.01
N ILE D 170 0.21 15.63 -34.89
CA ILE D 170 0.98 15.82 -33.67
C ILE D 170 1.48 17.26 -33.70
N LEU D 171 1.28 17.99 -32.61
CA LEU D 171 1.70 19.38 -32.55
C LEU D 171 2.83 19.65 -31.59
N LYS D 172 2.96 18.80 -30.58
CA LYS D 172 3.99 18.98 -29.57
C LYS D 172 4.23 17.66 -28.89
N THR D 173 5.48 17.33 -28.59
CA THR D 173 5.74 16.07 -27.92
C THR D 173 6.87 16.21 -26.93
N ALA D 174 6.61 15.76 -25.70
CA ALA D 174 7.60 15.86 -24.63
C ALA D 174 8.87 15.15 -25.04
N GLY D 175 9.99 15.62 -24.50
CA GLY D 175 11.26 15.03 -24.82
C GLY D 175 12.40 15.99 -24.63
N VAL D 176 13.61 15.54 -24.96
CA VAL D 176 14.77 16.39 -24.80
C VAL D 176 14.67 17.69 -25.58
N ASN D 177 14.00 17.65 -26.72
CA ASN D 177 13.84 18.84 -27.57
C ASN D 177 12.74 19.77 -27.07
N THR D 178 11.79 19.18 -26.36
CA THR D 178 10.66 19.90 -25.82
C THR D 178 10.45 19.35 -24.43
N THR D 179 11.04 20.02 -23.47
CA THR D 179 10.98 19.62 -22.07
C THR D 179 9.62 19.87 -21.43
N ASP D 180 9.32 19.14 -20.37
CA ASP D 180 8.05 19.30 -19.68
C ASP D 180 7.77 20.74 -19.28
N LYS D 181 8.80 21.58 -19.23
CA LYS D 181 8.60 22.98 -18.85
C LYS D 181 7.53 23.61 -19.74
N GLU D 182 7.68 23.44 -21.05
CA GLU D 182 6.78 24.02 -22.03
C GLU D 182 5.65 23.12 -22.53
N MET D 183 5.56 21.91 -22.00
CA MET D 183 4.53 21.00 -22.47
C MET D 183 3.14 21.22 -21.91
N GLU D 184 3.02 21.94 -20.81
CA GLU D 184 1.71 22.17 -20.22
C GLU D 184 0.91 23.24 -20.94
N VAL D 185 1.50 23.87 -21.94
CA VAL D 185 0.79 24.90 -22.67
C VAL D 185 1.07 24.90 -24.18
N LEU D 186 0.00 24.87 -24.95
CA LEU D 186 0.07 24.86 -26.41
C LEU D 186 -0.26 26.25 -26.95
N HIS D 187 0.66 26.84 -27.70
CA HIS D 187 0.43 28.17 -28.23
C HIS D 187 0.03 28.13 -29.69
N LEU D 188 -1.11 28.72 -30.00
CA LEU D 188 -1.57 28.78 -31.38
C LEU D 188 -1.53 30.24 -31.75
N ARG D 189 -0.51 30.61 -32.53
CA ARG D 189 -0.32 32.00 -32.95
C ARG D 189 -1.14 32.39 -34.17
N ASN D 190 -1.72 33.58 -34.10
CA ASN D 190 -2.55 34.13 -35.18
C ASN D 190 -3.37 33.06 -35.91
N VAL D 191 -4.47 32.64 -35.28
CA VAL D 191 -5.33 31.60 -35.81
C VAL D 191 -6.08 31.92 -37.08
N SER D 192 -6.62 30.89 -37.70
CA SER D 192 -7.39 30.99 -38.94
C SER D 192 -8.52 29.98 -38.87
N PHE D 193 -9.50 30.11 -39.75
CA PHE D 193 -10.63 29.17 -39.77
C PHE D 193 -10.12 27.73 -39.83
N GLU D 194 -8.91 27.56 -40.34
CA GLU D 194 -8.31 26.25 -40.46
C GLU D 194 -8.00 25.70 -39.06
N ASP D 195 -7.31 26.50 -38.26
CA ASP D 195 -6.94 26.10 -36.90
C ASP D 195 -8.15 25.72 -36.06
N ALA D 196 -9.34 26.06 -36.54
CA ALA D 196 -10.56 25.73 -35.81
C ALA D 196 -10.68 24.22 -35.68
N GLY D 197 -11.14 23.76 -34.53
CA GLY D 197 -11.27 22.34 -34.33
C GLY D 197 -11.00 21.86 -32.93
N GLU D 198 -10.87 20.54 -32.81
CA GLU D 198 -10.65 19.89 -31.53
C GLU D 198 -9.19 19.56 -31.26
N TYR D 199 -8.68 20.04 -30.13
CA TYR D 199 -7.30 19.79 -29.74
C TYR D 199 -7.31 18.83 -28.56
N THR D 200 -6.29 18.01 -28.44
CA THR D 200 -6.24 17.05 -27.36
C THR D 200 -4.89 17.00 -26.69
N CYS D 201 -4.93 16.93 -25.37
CA CYS D 201 -3.73 16.81 -24.57
C CYS D 201 -3.73 15.35 -24.17
N LEU D 202 -2.74 14.62 -24.64
CA LEU D 202 -2.61 13.22 -24.35
C LEU D 202 -1.36 13.02 -23.52
N ALA D 203 -1.51 12.36 -22.37
CA ALA D 203 -0.38 12.10 -21.50
C ALA D 203 -0.47 10.67 -21.03
N GLY D 204 0.64 9.97 -21.09
CA GLY D 204 0.62 8.58 -20.67
C GLY D 204 1.95 8.13 -20.10
N ASN D 205 1.87 7.15 -19.21
CA ASN D 205 3.06 6.59 -18.61
C ASN D 205 3.00 5.10 -18.90
N SER D 206 3.85 4.33 -18.24
CA SER D 206 3.86 2.91 -18.49
C SER D 206 2.66 2.15 -17.94
N ILE D 207 1.77 2.82 -17.23
CA ILE D 207 0.62 2.13 -16.70
C ILE D 207 -0.66 2.35 -17.52
N GLY D 208 -0.77 3.48 -18.21
CA GLY D 208 -1.96 3.72 -19.00
C GLY D 208 -1.90 5.04 -19.73
N LEU D 209 -2.98 5.38 -20.41
CA LEU D 209 -3.03 6.62 -21.18
C LEU D 209 -4.24 7.47 -20.75
N SER D 210 -4.05 8.79 -20.75
CA SER D 210 -5.10 9.74 -20.38
C SER D 210 -5.05 10.93 -21.31
N HIS D 211 -6.21 11.47 -21.63
CA HIS D 211 -6.27 12.61 -22.52
C HIS D 211 -7.51 13.45 -22.30
N HIS D 212 -7.38 14.74 -22.51
CA HIS D 212 -8.47 15.70 -22.39
C HIS D 212 -8.51 16.46 -23.69
N SER D 213 -9.70 16.61 -24.26
CA SER D 213 -9.83 17.33 -25.51
C SER D 213 -10.36 18.71 -25.23
N ALA D 214 -10.57 19.50 -26.28
CA ALA D 214 -11.07 20.86 -26.14
C ALA D 214 -11.36 21.39 -27.52
N TRP D 215 -12.35 22.27 -27.64
CA TRP D 215 -12.69 22.80 -28.94
C TRP D 215 -12.29 24.24 -29.17
N LEU D 216 -11.71 24.51 -30.34
CA LEU D 216 -11.33 25.86 -30.68
C LEU D 216 -12.35 26.34 -31.71
N THR D 217 -13.06 27.42 -31.37
CA THR D 217 -14.05 27.99 -32.26
C THR D 217 -13.52 29.32 -32.74
N VAL D 218 -13.43 29.48 -34.06
CA VAL D 218 -12.90 30.71 -34.64
C VAL D 218 -13.95 31.50 -35.45
N LEU D 219 -14.13 32.78 -35.11
CA LEU D 219 -15.10 33.65 -35.78
C LEU D 219 -14.42 34.77 -36.58
#